data_5ZMF
#
_entry.id   5ZMF
#
_cell.length_a   90.456
_cell.length_b   90.456
_cell.length_c   306.668
_cell.angle_alpha   90.00
_cell.angle_beta   90.00
_cell.angle_gamma   90.00
#
_symmetry.space_group_name_H-M   'P 41 21 2'
#
loop_
_entity.id
_entity.type
_entity.pdbx_description
1 polymer 'ATPase ARSA1'
2 non-polymer 'PHOSPHOAMINOPHOSPHONIC ACID-ADENYLATE ESTER'
3 non-polymer 'MAGNESIUM ION'
#
_entity_poly.entity_id   1
_entity_poly.type   'polypeptide(L)'
_entity_poly.pdbx_seq_one_letter_code
;GVFEELAAGQQRKYIMISGKGGVGKTSLSASLAVKLAAAGHTTLVVSTDPAHSLSDSLAQDVSGGRPVLLQGTDLPLWGL
EIDPEEAKREFFEGSGAGQDGEAGGPSAASQVSDFMNRMGMGFVIDQLKELKLGELLNTPPPGLDEAVAIAKVVQFVQAA
EYARFSRIVFDTAPTGHTLRLLALPDFVDASLAKVIRLRKKLNGATSVVRGLFGAGESQDEAVEKLELLQQRVRMVKALF
RDKTQTEFIIATIPTYLGVNESSRLLQALRAEQIPCKRIIVNQIVGPQQGDAYLRMKMKDQIAALEMVANDPGLRPLRKV
IAPMVDVEVRGVPALSYFGNVVWKDVYDQMNQGADRKFFLLGGKGGVGKTSCSSSLAVHFANDGLPTLVVSTDPAHSLSD
AFDQDLSGGSPVKITSPLGDELPLWGLQLDPEQAKAELRAVLADDGGKKLNETLDGLGLGVISDQLKDLQLGELLDTPPP
GVDEAIAIAKVVQFLKAPEYSHFKRIVFDTAPTGHTLRLLSLPDFLDASIGKLVRLRQKLSAATSAVKNLFSGGQPGEED
VAVKRLEALQASMEDAKAMFRNQQTTEFIIVTIPTVMATAESCRLASALQHEGIPLKTIIVNQVVQANATDKFLTARRAD
QARALHHLEEDTGPDGLASLQLIKAPLCDLEVRGVPALSYFGNVVWK
;
_entity_poly.pdbx_strand_id   A
#
# COMPACT_ATOMS: atom_id res chain seq x y z
N GLY A 1 -24.82 -19.68 -18.64
CA GLY A 1 -23.85 -18.68 -19.07
C GLY A 1 -22.62 -18.54 -18.18
N VAL A 2 -22.37 -17.31 -17.71
CA VAL A 2 -21.29 -17.07 -16.75
C VAL A 2 -21.67 -17.44 -15.31
N PHE A 3 -22.85 -16.98 -14.91
CA PHE A 3 -23.29 -17.08 -13.52
C PHE A 3 -23.77 -18.48 -13.29
N GLU A 4 -23.98 -19.21 -14.36
CA GLU A 4 -24.44 -20.58 -14.24
C GLU A 4 -23.34 -21.43 -13.59
N GLU A 5 -22.09 -21.18 -13.97
CA GLU A 5 -20.96 -21.87 -13.39
C GLU A 5 -20.69 -21.43 -11.96
N LEU A 6 -21.19 -20.28 -11.56
CA LEU A 6 -21.00 -19.88 -10.17
C LEU A 6 -22.14 -20.31 -9.24
N ALA A 7 -23.22 -20.80 -9.83
CA ALA A 7 -24.26 -21.49 -9.10
C ALA A 7 -24.06 -22.98 -9.23
N ALA A 8 -22.92 -23.35 -9.82
CA ALA A 8 -22.66 -24.67 -10.42
C ALA A 8 -23.06 -25.95 -9.68
N GLY A 9 -22.61 -26.11 -8.45
CA GLY A 9 -22.76 -27.39 -7.77
C GLY A 9 -22.97 -27.27 -6.28
N GLN A 10 -23.12 -28.43 -5.64
CA GLN A 10 -23.25 -28.51 -4.20
C GLN A 10 -21.87 -28.29 -3.55
N GLN A 11 -20.84 -28.67 -4.30
CA GLN A 11 -19.46 -28.57 -3.85
C GLN A 11 -19.17 -27.16 -3.45
N ARG A 12 -18.74 -26.97 -2.21
CA ARG A 12 -18.48 -25.62 -1.72
C ARG A 12 -17.50 -24.89 -2.66
N LYS A 13 -17.84 -23.68 -3.13
CA LYS A 13 -16.90 -22.86 -3.93
C LYS A 13 -16.58 -21.52 -3.29
N TYR A 14 -15.30 -21.16 -3.30
CA TYR A 14 -14.82 -19.91 -2.72
C TYR A 14 -14.42 -19.00 -3.87
N ILE A 15 -15.21 -17.96 -4.09
CA ILE A 15 -14.99 -17.09 -5.20
C ILE A 15 -14.22 -15.93 -4.65
N MET A 16 -13.11 -15.61 -5.29
CA MET A 16 -12.34 -14.41 -4.91
C MET A 16 -12.43 -13.27 -5.92
N ILE A 17 -13.08 -12.20 -5.52
CA ILE A 17 -13.09 -11.05 -6.37
C ILE A 17 -11.86 -10.33 -5.90
N SER A 18 -10.89 -10.16 -6.76
CA SER A 18 -9.77 -9.36 -6.33
C SER A 18 -9.29 -8.47 -7.42
N GLY A 19 -8.61 -7.41 -7.00
CA GLY A 19 -8.09 -6.42 -7.90
C GLY A 19 -7.56 -5.29 -7.06
N LYS A 20 -7.43 -4.11 -7.65
CA LYS A 20 -6.90 -2.97 -6.93
C LYS A 20 -7.91 -1.84 -6.86
N GLY A 21 -7.82 -1.02 -5.82
CA GLY A 21 -8.08 0.41 -5.92
C GLY A 21 -9.33 0.97 -6.61
N GLY A 22 -10.52 0.56 -6.18
CA GLY A 22 -11.72 1.28 -6.56
C GLY A 22 -12.32 0.94 -7.91
N VAL A 23 -12.09 -0.29 -8.35
CA VAL A 23 -12.79 -0.78 -9.51
C VAL A 23 -14.28 -0.98 -9.23
N GLY A 24 -14.63 -1.09 -7.94
CA GLY A 24 -15.95 -1.53 -7.57
C GLY A 24 -15.97 -2.96 -7.07
N LYS A 25 -14.77 -3.49 -6.78
CA LYS A 25 -14.63 -4.89 -6.35
C LYS A 25 -15.64 -5.24 -5.24
N THR A 26 -15.87 -4.31 -4.32
CA THR A 26 -16.80 -4.52 -3.22
C THR A 26 -18.25 -4.70 -3.67
N SER A 27 -18.78 -3.71 -4.36
CA SER A 27 -20.11 -3.85 -4.94
C SER A 27 -20.12 -5.00 -5.95
N LEU A 28 -18.95 -5.39 -6.43
CA LEU A 28 -18.89 -6.47 -7.38
C LEU A 28 -19.10 -7.76 -6.66
N SER A 29 -18.46 -7.87 -5.50
CA SER A 29 -18.49 -9.14 -4.76
C SER A 29 -19.79 -9.21 -4.00
N ALA A 30 -20.23 -8.06 -3.48
CA ALA A 30 -21.52 -7.95 -2.84
C ALA A 30 -22.62 -8.39 -3.78
N SER A 31 -22.74 -7.72 -4.92
CA SER A 31 -23.72 -8.10 -5.92
C SER A 31 -23.70 -9.59 -6.19
N LEU A 32 -22.51 -10.16 -6.27
CA LEU A 32 -22.39 -11.58 -6.57
C LEU A 32 -22.99 -12.44 -5.49
N ALA A 33 -22.71 -12.06 -4.24
CA ALA A 33 -23.10 -12.87 -3.11
C ALA A 33 -24.60 -12.98 -3.13
N VAL A 34 -25.22 -11.84 -3.41
CA VAL A 34 -26.68 -11.67 -3.40
C VAL A 34 -27.35 -12.59 -4.43
N LYS A 35 -26.92 -12.44 -5.69
CA LYS A 35 -27.46 -13.21 -6.81
C LYS A 35 -27.17 -14.71 -6.59
N LEU A 36 -26.15 -14.97 -5.79
CA LEU A 36 -25.76 -16.34 -5.42
C LEU A 36 -26.65 -16.89 -4.31
N ALA A 37 -26.94 -16.05 -3.32
CA ALA A 37 -27.88 -16.44 -2.29
C ALA A 37 -29.28 -16.60 -2.90
N ALA A 38 -29.63 -15.69 -3.81
CA ALA A 38 -30.88 -15.80 -4.56
C ALA A 38 -31.01 -17.19 -5.13
N ALA A 39 -29.93 -17.67 -5.72
CA ALA A 39 -29.89 -18.92 -6.46
C ALA A 39 -30.17 -20.12 -5.56
N GLY A 40 -30.14 -19.85 -4.25
CA GLY A 40 -30.38 -20.88 -3.26
C GLY A 40 -29.21 -21.33 -2.40
N HIS A 41 -27.97 -20.95 -2.76
CA HIS A 41 -26.81 -21.24 -1.93
C HIS A 41 -26.86 -20.52 -0.57
N THR A 42 -26.55 -21.22 0.53
CA THR A 42 -26.42 -20.52 1.79
C THR A 42 -25.04 -19.92 1.68
N THR A 43 -24.97 -18.59 1.66
CA THR A 43 -23.74 -17.95 1.22
C THR A 43 -23.23 -16.91 2.19
N LEU A 44 -21.92 -16.88 2.34
CA LEU A 44 -21.22 -15.91 3.17
C LEU A 44 -20.29 -15.01 2.32
N VAL A 45 -20.38 -13.70 2.55
CA VAL A 45 -19.51 -12.74 1.87
C VAL A 45 -18.59 -12.05 2.88
N VAL A 46 -17.35 -11.77 2.49
CA VAL A 46 -16.32 -11.41 3.44
C VAL A 46 -15.51 -10.24 2.93
N SER A 47 -15.18 -9.30 3.82
CA SER A 47 -14.20 -8.27 3.49
C SER A 47 -13.20 -8.05 4.63
N THR A 48 -11.95 -7.70 4.34
CA THR A 48 -11.19 -7.19 5.47
C THR A 48 -11.16 -5.68 5.26
N ASP A 49 -12.09 -5.01 5.91
CA ASP A 49 -12.14 -3.57 5.89
C ASP A 49 -12.24 -2.98 7.28
N PRO A 50 -11.25 -2.17 7.66
CA PRO A 50 -11.37 -1.35 8.88
C PRO A 50 -12.57 -0.41 8.78
N ALA A 51 -12.81 0.07 7.56
CA ALA A 51 -13.82 1.09 7.28
C ALA A 51 -15.23 0.55 7.12
N HIS A 52 -15.37 -0.76 7.25
CA HIS A 52 -16.66 -1.43 7.12
C HIS A 52 -17.30 -1.24 5.73
N SER A 53 -16.52 -1.46 4.67
CA SER A 53 -17.01 -1.39 3.30
C SER A 53 -18.25 -2.21 2.99
N LEU A 54 -18.23 -3.47 3.40
CA LEU A 54 -19.34 -4.38 3.17
C LEU A 54 -20.57 -3.91 3.94
N SER A 55 -20.35 -3.21 5.05
CA SER A 55 -21.43 -2.82 5.95
C SER A 55 -22.42 -1.86 5.28
N ASP A 56 -21.96 -0.69 4.84
CA ASP A 56 -22.86 0.26 4.19
C ASP A 56 -23.07 -0.02 2.70
N SER A 57 -22.30 -0.95 2.14
CA SER A 57 -22.56 -1.37 0.78
C SER A 57 -23.55 -2.48 0.78
N LEU A 58 -23.88 -2.98 1.96
CA LEU A 58 -25.08 -3.77 2.11
C LEU A 58 -26.27 -2.97 2.68
N ALA A 59 -25.94 -1.81 3.24
CA ALA A 59 -26.88 -0.99 4.00
C ALA A 59 -27.36 -1.62 5.31
N GLN A 60 -26.99 -2.85 5.57
CA GLN A 60 -27.19 -3.48 6.88
C GLN A 60 -25.85 -3.70 7.57
N ASP A 61 -25.81 -3.55 8.90
CA ASP A 61 -24.51 -3.51 9.58
C ASP A 61 -24.05 -4.92 9.98
N VAL A 62 -23.02 -5.42 9.27
CA VAL A 62 -22.43 -6.75 9.50
C VAL A 62 -21.10 -6.74 10.32
N SER A 63 -20.71 -5.55 10.76
CA SER A 63 -19.39 -5.25 11.28
C SER A 63 -18.96 -6.09 12.48
N GLY A 64 -19.89 -6.86 13.04
CA GLY A 64 -19.55 -7.86 14.03
C GLY A 64 -18.51 -8.86 13.55
N GLY A 65 -17.49 -9.13 14.37
CA GLY A 65 -16.38 -9.96 13.92
C GLY A 65 -16.77 -11.33 13.37
N ARG A 66 -17.97 -11.80 13.71
CA ARG A 66 -18.42 -13.13 13.32
C ARG A 66 -19.59 -12.98 12.37
N PRO A 67 -19.85 -14.00 11.52
CA PRO A 67 -20.85 -13.88 10.46
C PRO A 67 -22.24 -13.45 10.91
N VAL A 68 -22.74 -12.43 10.21
CA VAL A 68 -24.06 -11.82 10.48
C VAL A 68 -25.07 -12.11 9.35
N LEU A 69 -26.21 -12.66 9.75
CA LEU A 69 -27.30 -12.90 8.84
C LEU A 69 -28.00 -11.59 8.72
N LEU A 70 -28.68 -11.36 7.60
CA LEU A 70 -29.32 -10.06 7.32
C LEU A 70 -30.83 -10.08 7.48
N GLN A 71 -31.34 -9.19 8.34
CA GLN A 71 -32.77 -9.08 8.55
C GLN A 71 -33.42 -8.17 7.47
N GLY A 72 -34.65 -8.50 7.09
CA GLY A 72 -35.38 -7.75 6.08
C GLY A 72 -35.54 -8.54 4.79
N THR A 73 -34.93 -9.72 4.77
CA THR A 73 -35.08 -10.61 3.62
C THR A 73 -35.49 -12.02 4.00
N ASP A 74 -36.00 -12.76 3.02
CA ASP A 74 -36.12 -14.21 3.13
C ASP A 74 -34.93 -14.90 2.44
N LEU A 75 -33.92 -14.11 2.07
CA LEU A 75 -32.71 -14.66 1.44
C LEU A 75 -31.69 -15.18 2.46
N PRO A 76 -31.04 -16.33 2.16
CA PRO A 76 -29.97 -16.95 2.97
C PRO A 76 -28.55 -16.40 2.76
N LEU A 77 -28.27 -15.22 3.29
CA LEU A 77 -26.98 -14.61 3.04
C LEU A 77 -26.37 -13.97 4.27
N TRP A 78 -25.07 -14.14 4.41
CA TRP A 78 -24.32 -13.75 5.59
C TRP A 78 -23.13 -12.83 5.27
N GLY A 79 -23.02 -11.72 6.00
CA GLY A 79 -21.87 -10.85 5.85
C GLY A 79 -20.82 -11.14 6.90
N LEU A 80 -19.56 -10.86 6.60
CA LEU A 80 -18.51 -11.03 7.60
C LEU A 80 -17.46 -9.92 7.59
N GLU A 81 -17.26 -9.28 8.72
CA GLU A 81 -16.27 -8.22 8.79
C GLU A 81 -15.22 -8.56 9.83
N ILE A 82 -13.98 -8.83 9.40
CA ILE A 82 -12.97 -9.35 10.32
C ILE A 82 -11.94 -8.33 10.82
N ASP A 83 -11.62 -8.39 12.11
CA ASP A 83 -10.72 -7.41 12.71
C ASP A 83 -9.29 -7.88 12.61
N PRO A 84 -8.50 -7.22 11.76
CA PRO A 84 -7.13 -7.69 11.67
C PRO A 84 -6.36 -7.49 12.99
N GLU A 85 -6.41 -6.29 13.57
CA GLU A 85 -5.51 -5.94 14.70
C GLU A 85 -5.85 -6.73 15.97
N GLU A 86 -7.04 -7.33 16.03
CA GLU A 86 -7.39 -8.26 17.10
C GLU A 86 -7.27 -9.74 16.70
N ALA A 87 -6.87 -10.02 15.46
CA ALA A 87 -6.64 -11.41 15.04
C ALA A 87 -5.35 -11.95 15.69
N LYS A 88 -4.32 -11.11 15.68
CA LYS A 88 -3.02 -11.42 16.29
C LYS A 88 -3.09 -11.30 17.81
N ARG A 89 -3.70 -10.22 18.28
CA ARG A 89 -3.81 -9.96 19.73
C ARG A 89 -4.45 -11.16 20.45
N GLU A 90 -5.46 -11.77 19.85
CA GLU A 90 -6.14 -12.91 20.48
C GLU A 90 -5.45 -14.29 20.31
N PHE A 91 -4.97 -14.60 19.10
CA PHE A 91 -4.38 -15.91 18.82
C PHE A 91 -2.91 -16.03 19.29
N PHE A 92 -2.15 -14.94 19.17
CA PHE A 92 -0.70 -14.97 19.42
C PHE A 92 -0.35 -14.87 20.88
N GLU A 93 -0.99 -13.97 21.59
CA GLU A 93 -0.65 -13.73 23.00
C GLU A 93 -1.12 -14.87 23.92
N GLN A 111 18.78 -22.33 41.67
CA GLN A 111 17.59 -21.69 41.16
C GLN A 111 17.89 -20.22 40.89
N VAL A 112 17.89 -19.41 41.95
CA VAL A 112 18.13 -17.98 41.86
C VAL A 112 19.62 -17.74 41.89
N SER A 113 20.38 -18.84 41.86
CA SER A 113 21.80 -18.85 42.16
C SER A 113 22.56 -17.83 41.32
N ASP A 114 23.00 -16.82 42.03
CA ASP A 114 23.45 -15.56 41.49
C ASP A 114 24.95 -15.59 41.44
N PHE A 115 25.54 -16.76 41.71
CA PHE A 115 26.99 -16.95 41.85
C PHE A 115 27.71 -16.42 40.60
N MET A 116 26.89 -16.24 39.56
CA MET A 116 27.20 -15.44 38.39
C MET A 116 27.57 -13.98 38.71
N ASN A 117 26.72 -13.28 39.46
CA ASN A 117 27.08 -11.93 39.90
C ASN A 117 28.42 -11.92 40.62
N ARG A 118 28.66 -12.98 41.39
CA ARG A 118 29.89 -13.15 42.14
C ARG A 118 31.12 -13.27 41.25
N MET A 119 30.96 -13.86 40.08
CA MET A 119 32.10 -13.97 39.19
C MET A 119 32.28 -12.70 38.40
N GLY A 120 31.39 -11.74 38.64
CA GLY A 120 31.42 -10.48 37.94
C GLY A 120 30.47 -10.41 36.76
N MET A 121 29.64 -11.44 36.60
CA MET A 121 28.69 -11.51 35.48
C MET A 121 27.55 -10.52 35.57
N GLY A 122 27.33 -9.98 36.76
CA GLY A 122 26.22 -9.09 37.02
C GLY A 122 26.11 -8.04 35.95
N PHE A 123 27.26 -7.58 35.43
CA PHE A 123 27.28 -6.52 34.43
C PHE A 123 26.79 -7.04 33.10
N VAL A 124 27.32 -8.18 32.67
CA VAL A 124 26.93 -8.76 31.40
C VAL A 124 25.50 -9.34 31.33
N ILE A 125 25.03 -10.02 32.36
CA ILE A 125 23.63 -10.46 32.43
C ILE A 125 22.62 -9.29 32.44
N ASP A 126 22.92 -8.25 33.21
CA ASP A 126 22.07 -7.04 33.30
C ASP A 126 22.01 -6.28 31.97
N GLN A 127 23.06 -6.38 31.16
CA GLN A 127 23.09 -5.74 29.84
C GLN A 127 22.29 -6.52 28.80
N LEU A 128 22.33 -7.83 28.89
CA LEU A 128 21.58 -8.69 27.99
C LEU A 128 20.09 -8.71 28.34
N LYS A 129 19.77 -8.71 29.63
CA LYS A 129 18.39 -8.64 30.07
C LYS A 129 17.73 -7.34 29.58
N GLU A 130 18.54 -6.28 29.54
CA GLU A 130 18.13 -4.94 29.15
C GLU A 130 18.31 -4.75 27.62
N LEU A 131 18.71 -5.82 26.95
CA LEU A 131 18.63 -5.91 25.49
C LEU A 131 17.26 -6.43 25.11
N LYS A 132 16.53 -6.84 26.14
CA LYS A 132 15.11 -7.20 26.04
C LYS A 132 14.74 -8.11 24.85
N LEU A 133 15.51 -9.17 24.68
CA LEU A 133 15.27 -10.18 23.65
C LEU A 133 13.91 -10.85 23.73
N GLY A 134 13.32 -10.95 24.92
CA GLY A 134 12.01 -11.54 25.05
C GLY A 134 11.02 -10.78 24.19
N GLU A 135 11.18 -9.46 24.11
CA GLU A 135 10.31 -8.63 23.27
C GLU A 135 10.43 -9.11 21.82
N LEU A 136 11.65 -9.07 21.28
CA LEU A 136 11.92 -9.47 19.90
C LEU A 136 11.41 -10.88 19.58
N LEU A 137 11.30 -11.69 20.62
CA LEU A 137 10.78 -13.04 20.51
C LEU A 137 9.25 -13.11 20.57
N ASN A 138 8.67 -12.21 21.38
CA ASN A 138 7.22 -12.14 21.54
C ASN A 138 6.48 -11.22 20.59
N THR A 139 7.21 -10.38 19.86
CA THR A 139 6.60 -9.52 18.86
C THR A 139 6.12 -10.37 17.68
N PRO A 140 4.79 -10.37 17.41
CA PRO A 140 4.16 -11.18 16.36
C PRO A 140 4.62 -10.75 15.00
N PRO A 141 4.80 -11.73 14.08
CA PRO A 141 5.39 -11.35 12.80
C PRO A 141 4.38 -10.47 12.06
N PRO A 142 4.88 -9.49 11.30
CA PRO A 142 3.97 -8.58 10.60
C PRO A 142 3.20 -9.26 9.47
N GLY A 143 1.96 -8.79 9.30
CA GLY A 143 1.13 -9.22 8.19
C GLY A 143 0.27 -10.40 8.58
N LEU A 144 0.56 -10.92 9.76
CA LEU A 144 0.00 -12.16 10.27
C LEU A 144 -1.50 -12.27 10.01
N ASP A 145 -2.22 -11.33 10.64
CA ASP A 145 -3.68 -11.32 10.69
C ASP A 145 -4.30 -11.52 9.33
N GLU A 146 -3.65 -11.02 8.28
CA GLU A 146 -4.10 -11.21 6.90
C GLU A 146 -4.11 -12.67 6.54
N ALA A 147 -2.94 -13.28 6.66
CA ALA A 147 -2.82 -14.68 6.37
C ALA A 147 -3.74 -15.49 7.28
N VAL A 148 -3.79 -15.13 8.55
CA VAL A 148 -4.72 -15.78 9.48
C VAL A 148 -6.20 -15.49 9.11
N ALA A 149 -6.47 -14.30 8.57
CA ALA A 149 -7.82 -13.90 8.17
C ALA A 149 -8.49 -14.85 7.20
N ILE A 150 -7.87 -15.08 6.04
CA ILE A 150 -8.39 -16.08 5.12
C ILE A 150 -8.70 -17.39 5.86
N ALA A 151 -7.91 -17.68 6.89
CA ALA A 151 -8.08 -18.89 7.67
C ALA A 151 -9.26 -18.77 8.64
N LYS A 152 -9.44 -17.58 9.24
CA LYS A 152 -10.56 -17.35 10.14
C LYS A 152 -11.82 -17.69 9.39
N VAL A 153 -11.78 -17.50 8.08
CA VAL A 153 -12.96 -17.66 7.24
C VAL A 153 -13.24 -19.13 7.12
N VAL A 154 -12.21 -19.91 6.85
CA VAL A 154 -12.39 -21.34 6.67
C VAL A 154 -12.88 -21.90 7.98
N GLN A 155 -12.49 -21.26 9.09
CA GLN A 155 -12.95 -21.69 10.41
C GLN A 155 -14.47 -21.59 10.65
N PHE A 156 -15.08 -20.40 10.47
CA PHE A 156 -16.52 -20.19 10.69
C PHE A 156 -17.38 -21.08 9.80
N VAL A 157 -16.89 -21.30 8.59
CA VAL A 157 -17.56 -22.11 7.56
C VAL A 157 -17.35 -23.60 7.68
N GLN A 158 -16.22 -24.03 8.23
CA GLN A 158 -16.00 -25.46 8.44
C GLN A 158 -16.79 -25.83 9.68
N ALA A 159 -16.70 -24.95 10.68
CA ALA A 159 -17.37 -25.10 11.98
C ALA A 159 -18.83 -25.40 11.75
N ALA A 160 -19.44 -24.68 10.82
CA ALA A 160 -20.83 -24.87 10.48
C ALA A 160 -21.72 -24.53 11.67
N GLU A 161 -21.25 -23.61 12.51
CA GLU A 161 -22.01 -23.19 13.68
C GLU A 161 -23.32 -22.51 13.26
N TYR A 162 -23.22 -21.59 12.28
CA TYR A 162 -24.33 -20.73 11.83
C TYR A 162 -25.22 -21.37 10.76
N ALA A 163 -24.66 -21.63 9.57
CA ALA A 163 -25.30 -22.50 8.58
C ALA A 163 -24.30 -23.25 7.71
N ARG A 164 -24.82 -24.10 6.84
CA ARG A 164 -23.93 -24.94 6.05
C ARG A 164 -23.64 -24.18 4.79
N PHE A 165 -22.41 -23.70 4.69
CA PHE A 165 -22.10 -22.67 3.70
C PHE A 165 -21.74 -23.21 2.30
N SER A 166 -22.60 -22.90 1.33
CA SER A 166 -22.51 -23.46 -0.02
C SER A 166 -21.51 -22.71 -0.91
N ARG A 167 -21.35 -21.42 -0.66
CA ARG A 167 -20.41 -20.63 -1.42
C ARG A 167 -19.86 -19.57 -0.49
N ILE A 168 -18.61 -19.18 -0.68
CA ILE A 168 -18.11 -18.02 0.02
C ILE A 168 -17.64 -16.97 -1.00
N VAL A 169 -17.89 -15.69 -0.71
CA VAL A 169 -17.43 -14.64 -1.61
C VAL A 169 -16.49 -13.67 -0.88
N PHE A 170 -15.23 -13.70 -1.29
CA PHE A 170 -14.23 -12.92 -0.59
C PHE A 170 -13.94 -11.67 -1.38
N ASP A 171 -14.21 -10.52 -0.79
CA ASP A 171 -13.74 -9.29 -1.38
C ASP A 171 -12.40 -9.04 -0.71
N THR A 172 -11.32 -9.19 -1.46
CA THR A 172 -10.00 -9.05 -0.88
C THR A 172 -9.55 -7.59 -0.68
N ALA A 173 -8.64 -7.39 0.26
CA ALA A 173 -7.78 -6.21 0.25
C ALA A 173 -7.04 -6.18 -1.09
N PRO A 174 -7.04 -5.02 -1.78
CA PRO A 174 -6.51 -4.88 -3.13
C PRO A 174 -5.11 -5.48 -3.37
N THR A 175 -4.94 -6.00 -4.60
CA THR A 175 -3.76 -6.77 -5.03
C THR A 175 -3.18 -7.77 -4.00
N LEU A 182 0.81 -13.69 -2.64
CA LEU A 182 0.86 -14.93 -1.85
C LEU A 182 2.09 -15.00 -0.92
N ALA A 183 3.04 -14.09 -1.13
CA ALA A 183 4.30 -14.07 -0.37
C ALA A 183 4.07 -13.99 1.14
N LEU A 184 2.94 -13.44 1.54
CA LEU A 184 2.67 -13.18 2.94
C LEU A 184 2.37 -14.38 3.84
N PRO A 185 1.57 -15.35 3.38
CA PRO A 185 1.52 -16.61 4.15
C PRO A 185 2.92 -17.28 4.41
N ASP A 186 3.80 -17.21 3.42
CA ASP A 186 5.20 -17.59 3.59
C ASP A 186 5.89 -16.78 4.70
N PHE A 187 6.13 -15.50 4.47
CA PHE A 187 6.91 -14.68 5.40
C PHE A 187 6.48 -14.79 6.85
N VAL A 188 5.19 -15.02 7.07
CA VAL A 188 4.70 -15.22 8.42
C VAL A 188 5.02 -16.64 8.92
N ASP A 189 4.85 -17.63 8.05
CA ASP A 189 5.31 -18.98 8.34
C ASP A 189 6.79 -18.93 8.75
N ALA A 190 7.61 -18.35 7.90
CA ALA A 190 9.04 -18.17 8.15
C ALA A 190 9.33 -17.50 9.50
N SER A 191 8.74 -16.32 9.69
CA SER A 191 8.95 -15.55 10.93
C SER A 191 8.28 -16.24 12.11
N LEU A 192 7.37 -17.18 11.83
CA LEU A 192 6.78 -18.03 12.88
C LEU A 192 7.71 -19.16 13.21
N ALA A 193 8.26 -19.78 12.17
CA ALA A 193 9.16 -20.89 12.34
C ALA A 193 10.38 -20.42 13.09
N LYS A 194 10.96 -19.31 12.67
CA LYS A 194 12.10 -18.76 13.38
C LYS A 194 11.80 -18.65 14.87
N VAL A 195 10.65 -18.06 15.19
CA VAL A 195 10.31 -17.83 16.59
C VAL A 195 9.99 -19.16 17.29
N ILE A 196 9.32 -20.06 16.58
CA ILE A 196 8.96 -21.38 17.12
C ILE A 196 10.20 -22.28 17.37
N ARG A 197 11.16 -22.25 16.44
CA ARG A 197 12.38 -23.02 16.63
C ARG A 197 13.16 -22.49 17.84
N LEU A 198 13.15 -21.17 18.04
CA LEU A 198 13.86 -20.57 19.17
C LEU A 198 13.18 -20.70 20.54
N ARG A 199 11.88 -21.01 20.59
CA ARG A 199 11.28 -21.39 21.87
C ARG A 199 11.48 -22.86 22.20
N LYS A 200 11.77 -23.66 21.17
CA LYS A 200 12.21 -25.06 21.34
C LYS A 200 13.63 -25.17 21.92
N LYS A 201 14.60 -24.46 21.35
CA LYS A 201 15.93 -24.40 21.94
C LYS A 201 15.86 -23.89 23.38
N LEU A 202 14.71 -23.36 23.78
CA LEU A 202 14.59 -22.78 25.11
C LEU A 202 13.92 -23.61 26.22
N ASN A 203 13.39 -24.78 25.93
CA ASN A 203 12.74 -25.50 27.04
C ASN A 203 13.79 -26.13 27.99
N GLY A 204 14.57 -27.09 27.54
CA GLY A 204 15.77 -27.38 28.30
C GLY A 204 16.72 -26.22 28.06
N ALA A 205 17.02 -25.46 29.11
CA ALA A 205 18.05 -24.44 29.01
C ALA A 205 18.47 -24.03 30.41
N THR A 206 19.65 -23.43 30.51
CA THR A 206 20.23 -22.95 31.77
C THR A 206 19.29 -21.94 32.46
N SER A 207 19.37 -21.86 33.79
CA SER A 207 18.57 -20.91 34.55
C SER A 207 18.69 -19.51 33.99
N VAL A 208 19.93 -19.07 33.78
CA VAL A 208 20.21 -17.70 33.32
C VAL A 208 19.84 -17.48 31.85
N VAL A 209 20.03 -18.48 31.00
CA VAL A 209 19.60 -18.39 29.60
C VAL A 209 18.10 -18.15 29.44
N ARG A 210 17.30 -18.96 30.13
CA ARG A 210 15.85 -18.79 30.18
C ARG A 210 15.51 -17.42 30.74
N GLY A 211 16.45 -16.83 31.46
CA GLY A 211 16.19 -15.56 32.12
C GLY A 211 16.34 -14.36 31.21
N LEU A 212 17.08 -14.52 30.12
CA LEU A 212 17.31 -13.39 29.25
C LEU A 212 16.10 -13.16 28.38
N PHE A 213 15.32 -14.22 28.21
CA PHE A 213 14.11 -14.17 27.42
C PHE A 213 12.84 -14.11 28.25
N GLY A 214 12.97 -14.17 29.57
CA GLY A 214 11.78 -14.29 30.41
C GLY A 214 11.07 -15.64 30.29
N ALA A 215 11.70 -16.58 29.58
CA ALA A 215 11.12 -17.90 29.33
C ALA A 215 11.19 -18.90 30.49
N GLY A 216 10.20 -19.78 30.57
CA GLY A 216 10.22 -20.83 31.56
C GLY A 216 11.19 -21.98 31.33
N GLU A 217 11.00 -23.04 32.12
CA GLU A 217 11.66 -24.32 31.86
C GLU A 217 10.86 -25.19 30.87
N SER A 218 9.57 -24.93 30.72
CA SER A 218 8.74 -25.72 29.79
C SER A 218 8.05 -24.83 28.78
N GLN A 219 8.36 -25.08 27.51
CA GLN A 219 7.75 -24.34 26.43
C GLN A 219 6.59 -25.11 25.82
N ASP A 220 6.31 -26.29 26.37
CA ASP A 220 5.46 -27.30 25.73
C ASP A 220 4.11 -26.78 25.23
N GLU A 221 3.41 -26.04 26.09
CA GLU A 221 2.10 -25.50 25.73
C GLU A 221 2.20 -24.37 24.72
N ALA A 222 3.17 -23.47 24.88
CA ALA A 222 3.40 -22.40 23.91
C ALA A 222 3.61 -22.92 22.49
N VAL A 223 4.68 -23.69 22.35
CA VAL A 223 5.05 -24.27 21.05
C VAL A 223 3.95 -25.17 20.49
N GLU A 224 3.19 -25.83 21.35
CA GLU A 224 1.98 -26.52 20.89
C GLU A 224 1.06 -25.52 20.18
N LYS A 225 0.89 -24.33 20.75
CA LYS A 225 -0.07 -23.34 20.24
C LYS A 225 0.44 -22.56 19.02
N LEU A 226 1.67 -22.09 19.09
CA LEU A 226 2.27 -21.42 17.95
C LEU A 226 2.33 -22.32 16.70
N GLU A 227 2.61 -23.62 16.91
CA GLU A 227 2.60 -24.58 15.82
C GLU A 227 1.25 -24.56 15.11
N LEU A 228 0.15 -24.54 15.89
CA LEU A 228 -1.21 -24.64 15.35
C LEU A 228 -1.49 -23.47 14.44
N LEU A 229 -1.14 -22.29 14.93
CA LEU A 229 -1.36 -21.01 14.23
C LEU A 229 -0.72 -21.05 12.86
N GLN A 230 0.51 -21.53 12.86
CA GLN A 230 1.27 -21.72 11.64
C GLN A 230 0.61 -22.75 10.72
N GLN A 231 -0.06 -23.76 11.28
CA GLN A 231 -0.74 -24.74 10.41
C GLN A 231 -1.89 -24.03 9.71
N ARG A 232 -2.49 -23.07 10.41
CA ARG A 232 -3.60 -22.28 9.88
C ARG A 232 -3.08 -21.40 8.76
N VAL A 233 -2.01 -20.66 9.03
CA VAL A 233 -1.33 -19.83 8.02
C VAL A 233 -0.99 -20.65 6.80
N ARG A 234 -0.72 -21.93 7.03
CA ARG A 234 -0.38 -22.85 5.97
C ARG A 234 -1.63 -23.24 5.20
N MET A 235 -2.72 -23.52 5.92
CA MET A 235 -3.99 -23.92 5.31
C MET A 235 -4.49 -22.98 4.22
N VAL A 236 -4.22 -21.68 4.39
CA VAL A 236 -4.61 -20.70 3.37
C VAL A 236 -3.81 -20.85 2.07
N LYS A 237 -2.49 -20.90 2.16
CA LYS A 237 -1.66 -21.08 0.97
C LYS A 237 -2.02 -22.39 0.29
N ALA A 238 -2.65 -23.26 1.07
CA ALA A 238 -3.08 -24.56 0.59
C ALA A 238 -4.41 -24.45 -0.10
N LEU A 239 -5.25 -23.58 0.43
CA LEU A 239 -6.61 -23.44 -0.07
C LEU A 239 -6.64 -22.66 -1.38
N PHE A 240 -5.88 -21.57 -1.43
CA PHE A 240 -5.83 -20.74 -2.62
C PHE A 240 -5.47 -21.56 -3.85
N ARG A 241 -4.47 -22.44 -3.74
CA ARG A 241 -4.10 -23.29 -4.85
C ARG A 241 -5.11 -24.41 -5.04
N ASP A 242 -5.94 -24.65 -4.03
CA ASP A 242 -6.83 -25.80 -4.04
C ASP A 242 -7.74 -25.68 -5.24
N LYS A 243 -7.70 -26.71 -6.08
CA LYS A 243 -8.34 -26.66 -7.40
C LYS A 243 -9.87 -26.86 -7.36
N THR A 244 -10.40 -27.59 -6.37
CA THR A 244 -11.85 -27.77 -6.31
C THR A 244 -12.67 -26.62 -5.71
N GLN A 245 -12.24 -26.12 -4.55
CA GLN A 245 -13.01 -25.12 -3.85
C GLN A 245 -12.77 -23.67 -4.34
N THR A 246 -11.50 -23.34 -4.58
CA THR A 246 -11.13 -21.96 -4.89
C THR A 246 -11.25 -21.56 -6.37
N GLU A 247 -11.62 -20.31 -6.59
CA GLU A 247 -11.63 -19.79 -7.93
C GLU A 247 -11.40 -18.29 -7.81
N PHE A 248 -10.68 -17.73 -8.78
CA PHE A 248 -10.45 -16.28 -8.82
C PHE A 248 -11.07 -15.53 -10.00
N ILE A 249 -11.35 -14.25 -9.72
CA ILE A 249 -11.92 -13.33 -10.68
C ILE A 249 -11.25 -12.00 -10.50
N ILE A 250 -10.69 -11.49 -11.59
CA ILE A 250 -9.97 -10.24 -11.54
C ILE A 250 -10.96 -9.16 -11.82
N ALA A 251 -10.84 -8.05 -11.09
CA ALA A 251 -11.70 -6.89 -11.33
C ALA A 251 -10.84 -5.69 -11.67
N THR A 252 -11.20 -5.03 -12.77
CA THR A 252 -10.51 -3.82 -13.20
C THR A 252 -11.36 -2.90 -14.09
N ILE A 253 -10.96 -1.63 -14.11
CA ILE A 253 -11.60 -0.60 -14.93
C ILE A 253 -10.92 -0.51 -16.29
N PRO A 254 -11.61 0.04 -17.29
CA PRO A 254 -11.11 0.17 -18.66
C PRO A 254 -9.80 0.91 -18.89
N THR A 255 -9.24 1.63 -17.92
CA THR A 255 -8.02 2.38 -18.21
C THR A 255 -6.90 1.48 -18.76
N TYR A 256 -5.98 2.04 -19.55
CA TYR A 256 -4.79 1.30 -20.03
C TYR A 256 -4.05 0.55 -18.90
N LEU A 257 -3.48 1.29 -17.95
CA LEU A 257 -2.72 0.69 -16.83
C LEU A 257 -3.48 -0.38 -16.02
N GLY A 258 -4.80 -0.30 -16.02
CA GLY A 258 -5.57 -1.29 -15.30
C GLY A 258 -5.46 -2.63 -15.98
N VAL A 259 -5.53 -2.63 -17.31
CA VAL A 259 -5.41 -3.84 -18.12
C VAL A 259 -3.97 -4.31 -18.01
N ASN A 260 -3.05 -3.35 -18.13
CA ASN A 260 -1.60 -3.56 -18.03
C ASN A 260 -1.28 -4.24 -16.71
N GLU A 261 -1.72 -3.63 -15.62
CA GLU A 261 -1.53 -4.17 -14.28
C GLU A 261 -2.17 -5.56 -14.08
N SER A 262 -3.44 -5.67 -14.43
CA SER A 262 -4.20 -6.91 -14.31
C SER A 262 -3.49 -8.08 -14.97
N SER A 263 -2.91 -7.83 -16.15
CA SER A 263 -2.11 -8.85 -16.82
C SER A 263 -1.04 -9.33 -15.85
N ARG A 264 -0.30 -8.40 -15.29
CA ARG A 264 0.78 -8.74 -14.37
C ARG A 264 0.29 -9.60 -13.18
N LEU A 265 -0.89 -9.27 -12.65
CA LEU A 265 -1.49 -10.06 -11.58
C LEU A 265 -1.99 -11.43 -12.07
N LEU A 266 -2.25 -11.61 -13.35
CA LEU A 266 -2.57 -12.95 -13.81
C LEU A 266 -1.29 -13.71 -13.99
N GLN A 267 -0.22 -13.00 -14.34
CA GLN A 267 1.09 -13.63 -14.40
C GLN A 267 1.30 -14.30 -13.04
N ALA A 268 1.19 -13.51 -11.97
CA ALA A 268 1.36 -14.04 -10.61
C ALA A 268 0.35 -15.10 -10.25
N LEU A 269 -0.78 -15.11 -10.92
CA LEU A 269 -1.83 -16.04 -10.58
C LEU A 269 -1.59 -17.42 -11.19
N ARG A 270 -1.03 -17.43 -12.39
CA ARG A 270 -0.72 -18.67 -13.08
C ARG A 270 0.59 -19.16 -12.48
N ALA A 271 1.29 -18.27 -11.80
CA ALA A 271 2.62 -18.55 -11.24
C ALA A 271 2.48 -19.39 -10.02
N GLU A 272 1.89 -18.82 -8.99
CA GLU A 272 1.75 -19.55 -7.74
C GLU A 272 0.59 -20.53 -7.90
N GLN A 273 0.02 -20.50 -9.10
CA GLN A 273 -0.87 -21.52 -9.65
C GLN A 273 -2.23 -21.70 -8.99
N ILE A 274 -2.86 -20.56 -8.70
CA ILE A 274 -4.19 -20.47 -8.12
C ILE A 274 -5.09 -20.28 -9.28
N PRO A 275 -6.16 -21.09 -9.40
CA PRO A 275 -6.99 -21.03 -10.62
C PRO A 275 -7.70 -19.69 -10.78
N CYS A 276 -7.54 -19.03 -11.93
CA CYS A 276 -8.24 -17.76 -12.22
C CYS A 276 -8.90 -17.80 -13.58
N LYS A 277 -10.22 -17.84 -13.60
CA LYS A 277 -10.93 -17.98 -14.88
C LYS A 277 -11.63 -16.72 -15.48
N ARG A 278 -11.72 -15.64 -14.72
CA ARG A 278 -12.55 -14.51 -15.16
C ARG A 278 -11.98 -13.15 -14.78
N ILE A 279 -11.88 -12.27 -15.77
CA ILE A 279 -11.59 -10.87 -15.51
C ILE A 279 -12.90 -10.12 -15.72
N ILE A 280 -13.26 -9.24 -14.79
CA ILE A 280 -14.41 -8.39 -15.02
C ILE A 280 -13.90 -6.99 -15.26
N VAL A 281 -14.58 -6.26 -16.13
CA VAL A 281 -14.34 -4.83 -16.29
C VAL A 281 -15.56 -4.01 -15.83
N ASN A 282 -15.35 -3.15 -14.83
CA ASN A 282 -16.45 -2.40 -14.24
C ASN A 282 -16.29 -0.93 -14.60
N GLN A 283 -17.39 -0.16 -14.57
CA GLN A 283 -17.38 1.27 -14.87
C GLN A 283 -17.08 1.51 -16.36
N ILE A 284 -17.58 0.59 -17.16
CA ILE A 284 -17.56 0.73 -18.60
C ILE A 284 -18.80 1.53 -19.02
N VAL A 285 -18.63 2.42 -19.99
CA VAL A 285 -19.71 3.33 -20.40
C VAL A 285 -20.53 2.79 -21.56
N GLY A 286 -21.82 2.51 -21.31
CA GLY A 286 -22.74 2.12 -22.38
C GLY A 286 -22.99 3.21 -23.41
N PRO A 287 -22.77 2.89 -24.71
CA PRO A 287 -22.87 3.87 -25.81
C PRO A 287 -24.23 4.52 -25.85
N GLN A 288 -25.26 3.76 -25.49
CA GLN A 288 -26.62 4.29 -25.45
C GLN A 288 -26.75 5.40 -24.43
N GLN A 289 -26.50 5.03 -23.18
CA GLN A 289 -26.88 5.88 -22.06
C GLN A 289 -25.72 6.77 -21.56
N GLY A 290 -24.62 6.75 -22.29
CA GLY A 290 -23.45 7.53 -21.92
C GLY A 290 -23.69 8.98 -21.54
N ASP A 291 -24.61 9.66 -22.24
CA ASP A 291 -24.86 11.09 -22.01
C ASP A 291 -25.22 11.38 -20.55
N ALA A 292 -25.71 10.35 -19.86
CA ALA A 292 -26.05 10.47 -18.45
C ALA A 292 -24.78 10.64 -17.61
N TYR A 293 -23.81 9.75 -17.85
CA TYR A 293 -22.53 9.74 -17.13
C TYR A 293 -21.90 11.12 -17.06
N LEU A 294 -21.95 11.85 -18.16
CA LEU A 294 -21.41 13.21 -18.23
C LEU A 294 -22.01 14.12 -17.15
N ARG A 295 -23.32 14.04 -16.97
CA ARG A 295 -23.98 14.85 -15.97
C ARG A 295 -23.60 14.31 -14.59
N MET A 296 -23.43 12.99 -14.51
CA MET A 296 -22.99 12.36 -13.27
C MET A 296 -21.71 13.01 -12.80
N LYS A 297 -20.66 12.90 -13.62
CA LYS A 297 -19.32 13.36 -13.26
C LYS A 297 -19.38 14.82 -12.89
N MET A 298 -20.30 15.51 -13.57
CA MET A 298 -20.39 16.93 -13.40
C MET A 298 -20.88 17.31 -12.01
N LYS A 299 -21.93 16.68 -11.53
CA LYS A 299 -22.43 17.04 -10.21
C LYS A 299 -21.28 16.86 -9.20
N ASP A 300 -20.44 15.84 -9.42
CA ASP A 300 -19.29 15.55 -8.54
C ASP A 300 -18.37 16.76 -8.51
N GLN A 301 -17.91 17.14 -9.69
CA GLN A 301 -16.83 18.11 -9.82
C GLN A 301 -17.19 19.31 -8.99
N ILE A 302 -18.46 19.72 -9.13
CA ILE A 302 -19.04 20.85 -8.43
C ILE A 302 -19.03 20.61 -6.92
N ALA A 303 -19.50 19.44 -6.52
CA ALA A 303 -19.61 19.11 -5.11
C ALA A 303 -18.25 19.23 -4.47
N ALA A 304 -17.29 18.54 -5.08
CA ALA A 304 -15.93 18.52 -4.60
C ALA A 304 -15.32 19.91 -4.60
N LEU A 305 -15.35 20.58 -5.75
CA LEU A 305 -14.68 21.85 -5.91
C LEU A 305 -15.19 22.80 -4.85
N GLU A 306 -16.49 22.71 -4.61
CA GLU A 306 -17.18 23.52 -3.60
C GLU A 306 -16.48 23.26 -2.27
N MET A 307 -16.23 21.98 -1.99
CA MET A 307 -15.59 21.56 -0.77
C MET A 307 -14.17 22.07 -0.67
N VAL A 308 -13.40 21.88 -1.73
CA VAL A 308 -12.06 22.42 -1.76
C VAL A 308 -12.07 23.93 -1.46
N ALA A 309 -13.13 24.63 -1.88
CA ALA A 309 -13.27 26.05 -1.57
C ALA A 309 -13.36 26.34 -0.06
N ASN A 310 -14.39 25.78 0.59
CA ASN A 310 -14.69 26.14 1.98
C ASN A 310 -14.12 25.28 3.11
N ASP A 311 -13.54 24.12 2.76
CA ASP A 311 -13.16 23.09 3.74
C ASP A 311 -12.23 23.57 4.87
N PRO A 312 -12.52 23.11 6.09
CA PRO A 312 -11.65 23.44 7.21
C PRO A 312 -10.20 23.07 6.90
N GLY A 313 -9.32 24.06 7.08
CA GLY A 313 -7.90 23.84 6.97
C GLY A 313 -7.44 23.81 5.53
N LEU A 314 -8.40 23.74 4.63
CA LEU A 314 -8.04 23.76 3.22
C LEU A 314 -7.82 25.21 2.90
N ARG A 315 -8.57 26.08 3.58
CA ARG A 315 -8.51 27.53 3.37
C ARG A 315 -7.07 28.14 3.30
N PRO A 316 -6.18 27.80 4.26
CA PRO A 316 -4.88 28.49 4.27
C PRO A 316 -3.93 28.13 3.13
N LEU A 317 -4.05 26.93 2.58
CA LEU A 317 -3.09 26.49 1.55
C LEU A 317 -3.45 26.94 0.14
N ARG A 318 -2.42 27.19 -0.66
CA ARG A 318 -2.58 27.55 -2.07
C ARG A 318 -3.46 26.55 -2.82
N LYS A 319 -4.44 27.07 -3.57
CA LYS A 319 -5.26 26.23 -4.44
C LYS A 319 -5.05 26.52 -5.93
N VAL A 320 -4.98 25.45 -6.69
CA VAL A 320 -4.67 25.51 -8.09
C VAL A 320 -5.60 24.54 -8.76
N ILE A 321 -6.46 25.06 -9.61
CA ILE A 321 -7.37 24.17 -10.31
C ILE A 321 -6.86 24.07 -11.72
N ALA A 322 -6.47 22.86 -12.12
CA ALA A 322 -6.01 22.68 -13.47
C ALA A 322 -7.07 21.86 -14.17
N PRO A 323 -7.23 22.06 -15.48
CA PRO A 323 -8.27 21.38 -16.25
C PRO A 323 -7.70 20.12 -16.79
N MET A 324 -8.49 19.33 -17.49
CA MET A 324 -7.88 18.19 -18.09
C MET A 324 -7.05 18.79 -19.23
N VAL A 325 -6.47 17.95 -20.07
CA VAL A 325 -5.66 18.44 -21.18
C VAL A 325 -6.04 17.70 -22.44
N ASP A 326 -5.70 18.31 -23.57
CA ASP A 326 -6.04 17.83 -24.90
C ASP A 326 -5.72 16.33 -25.06
N VAL A 327 -4.58 15.91 -24.51
CA VAL A 327 -4.13 14.51 -24.55
C VAL A 327 -2.93 14.38 -23.64
N GLU A 328 -2.64 13.12 -23.31
CA GLU A 328 -1.66 12.72 -22.31
C GLU A 328 -0.25 13.26 -22.55
N VAL A 329 0.43 13.60 -21.44
CA VAL A 329 1.70 14.30 -21.50
C VAL A 329 2.84 13.32 -21.36
N ARG A 330 3.40 12.94 -22.50
CA ARG A 330 4.51 12.01 -22.56
C ARG A 330 5.87 12.63 -22.84
N GLY A 331 6.00 13.95 -22.82
CA GLY A 331 7.14 14.53 -23.49
C GLY A 331 7.73 15.70 -22.74
N VAL A 332 8.90 16.13 -23.17
CA VAL A 332 9.61 17.28 -22.59
C VAL A 332 8.96 18.65 -22.83
N PRO A 333 8.54 18.93 -24.09
CA PRO A 333 7.89 20.22 -24.31
C PRO A 333 6.52 20.28 -23.64
N ALA A 334 5.76 19.18 -23.78
CA ALA A 334 4.43 19.06 -23.23
C ALA A 334 4.43 19.39 -21.74
N LEU A 335 5.44 18.87 -21.04
CA LEU A 335 5.56 19.12 -19.61
C LEU A 335 5.81 20.60 -19.38
N SER A 336 6.48 21.25 -20.32
CA SER A 336 6.89 22.62 -20.09
C SER A 336 5.66 23.49 -20.07
N TYR A 337 4.73 23.10 -20.94
CA TYR A 337 3.44 23.79 -21.14
C TYR A 337 2.42 23.43 -20.07
N PHE A 338 2.39 22.18 -19.67
CA PHE A 338 1.61 21.79 -18.52
C PHE A 338 2.03 22.74 -17.40
N GLY A 339 3.34 22.86 -17.18
CA GLY A 339 3.87 23.78 -16.19
C GLY A 339 3.37 25.20 -16.38
N ASN A 340 3.21 25.60 -17.63
CA ASN A 340 2.63 26.90 -17.92
C ASN A 340 1.20 26.95 -17.35
N VAL A 341 0.49 25.82 -17.37
CA VAL A 341 -0.92 25.77 -16.93
C VAL A 341 -1.11 25.78 -15.42
N VAL A 342 -0.41 24.89 -14.74
CA VAL A 342 -0.55 24.68 -13.32
C VAL A 342 0.19 25.70 -12.46
N TRP A 343 1.52 25.71 -12.55
CA TRP A 343 2.30 26.58 -11.67
C TRP A 343 2.43 28.04 -12.18
N LYS A 344 2.07 28.30 -13.44
CA LYS A 344 2.24 29.64 -14.04
C LYS A 344 0.98 30.50 -14.06
N ASP A 345 -0.09 30.03 -14.72
CA ASP A 345 -1.39 30.74 -14.72
C ASP A 345 -1.89 30.98 -13.28
N VAL A 346 -1.34 30.20 -12.33
CA VAL A 346 -1.50 30.42 -10.90
C VAL A 346 -0.03 30.66 -10.37
N TYR A 347 0.17 30.82 -9.06
CA TYR A 347 1.43 31.37 -8.54
C TYR A 347 2.70 30.47 -8.46
N ASP A 348 3.73 30.89 -9.17
CA ASP A 348 5.11 30.38 -9.11
C ASP A 348 5.88 31.31 -8.19
N GLN A 349 5.17 32.24 -7.54
CA GLN A 349 5.78 33.10 -6.54
C GLN A 349 6.25 32.31 -5.30
N MET A 350 5.98 30.99 -5.32
CA MET A 350 6.61 30.06 -4.38
C MET A 350 8.14 29.92 -4.54
N ASN A 351 8.70 30.55 -5.59
CA ASN A 351 10.12 30.44 -5.91
C ASN A 351 11.09 31.33 -5.18
N GLN A 352 10.57 32.40 -4.60
CA GLN A 352 11.41 33.24 -3.74
C GLN A 352 11.56 32.60 -2.35
N GLY A 353 12.71 32.81 -1.73
CA GLY A 353 13.02 32.13 -0.49
C GLY A 353 14.52 32.05 -0.35
N ALA A 354 15.01 31.04 0.35
CA ALA A 354 16.44 30.77 0.41
C ALA A 354 16.89 30.21 -0.94
N ASP A 355 18.19 30.01 -1.09
CA ASP A 355 18.79 29.60 -2.37
C ASP A 355 18.39 28.17 -2.79
N ARG A 356 18.13 27.34 -1.78
CA ARG A 356 17.74 25.95 -1.98
C ARG A 356 16.24 25.79 -1.76
N LYS A 357 15.60 24.94 -2.55
CA LYS A 357 14.18 24.67 -2.37
C LYS A 357 13.84 23.19 -2.56
N PHE A 358 13.06 22.67 -1.62
CA PHE A 358 12.53 21.31 -1.70
C PHE A 358 11.02 21.33 -1.88
N PHE A 359 10.54 20.58 -2.86
CA PHE A 359 9.11 20.47 -3.04
C PHE A 359 8.76 19.02 -3.09
N LEU A 360 7.78 18.63 -2.28
CA LEU A 360 7.38 17.25 -2.28
C LEU A 360 5.92 17.18 -2.68
N LEU A 361 5.71 16.59 -3.84
CA LEU A 361 4.36 16.35 -4.31
C LEU A 361 4.02 14.95 -3.93
N GLY A 362 2.76 14.75 -3.55
CA GLY A 362 2.29 13.43 -3.25
C GLY A 362 0.80 13.44 -3.45
N GLY A 363 0.27 12.27 -3.78
CA GLY A 363 -1.13 12.10 -4.06
C GLY A 363 -1.41 10.63 -4.27
N LYS A 364 -2.67 10.28 -4.06
CA LYS A 364 -3.10 8.91 -4.20
C LYS A 364 -3.02 8.61 -5.68
N GLY A 365 -2.99 7.35 -6.06
CA GLY A 365 -2.80 6.99 -7.45
C GLY A 365 -3.97 7.33 -8.35
N GLY A 366 -3.66 7.74 -9.58
CA GLY A 366 -4.67 8.17 -10.54
C GLY A 366 -4.77 9.67 -10.85
N VAL A 367 -4.22 10.50 -9.97
CA VAL A 367 -4.31 11.96 -10.06
C VAL A 367 -3.22 12.69 -10.86
N GLY A 368 -2.34 11.96 -11.52
CA GLY A 368 -1.37 12.58 -12.41
C GLY A 368 -0.16 13.29 -11.84
N LYS A 369 0.29 12.90 -10.66
CA LYS A 369 1.25 13.76 -9.98
C LYS A 369 2.67 13.67 -10.51
N THR A 370 2.91 12.77 -11.47
CA THR A 370 4.22 12.79 -12.10
C THR A 370 4.27 13.92 -13.13
N SER A 371 3.24 13.98 -13.97
CA SER A 371 3.15 14.97 -15.04
C SER A 371 3.24 16.32 -14.39
N CYS A 372 2.71 16.45 -13.19
CA CYS A 372 2.86 17.70 -12.48
C CYS A 372 4.26 17.86 -11.97
N SER A 373 4.74 16.89 -11.21
CA SER A 373 6.02 17.02 -10.53
C SER A 373 7.09 17.28 -11.58
N SER A 374 7.04 16.48 -12.66
CA SER A 374 7.95 16.63 -13.80
C SER A 374 7.97 18.06 -14.29
N SER A 375 6.80 18.52 -14.69
CA SER A 375 6.60 19.88 -15.16
C SER A 375 7.13 20.95 -14.18
N LEU A 376 6.99 20.73 -12.88
CA LEU A 376 7.54 21.68 -11.93
C LEU A 376 9.05 21.72 -12.08
N ALA A 377 9.63 20.56 -12.33
CA ALA A 377 11.06 20.48 -12.49
C ALA A 377 11.47 21.13 -13.79
N VAL A 378 10.69 20.91 -14.84
CA VAL A 378 11.00 21.47 -16.15
C VAL A 378 10.91 23.00 -16.18
N HIS A 379 9.87 23.54 -15.54
CA HIS A 379 9.69 24.98 -15.45
C HIS A 379 10.81 25.56 -14.58
N PHE A 380 11.40 24.70 -13.77
CA PHE A 380 12.51 25.11 -12.94
C PHE A 380 13.78 25.19 -13.76
N ALA A 381 13.91 24.29 -14.72
CA ALA A 381 15.16 24.10 -15.46
C ALA A 381 15.54 25.34 -16.26
N ASN A 382 14.67 25.72 -17.17
CA ASN A 382 14.98 26.81 -18.08
C ASN A 382 15.09 28.14 -17.35
N ASP A 383 14.67 28.16 -16.09
CA ASP A 383 14.56 29.40 -15.33
C ASP A 383 15.92 29.84 -14.77
N GLY A 384 16.94 29.07 -15.13
CA GLY A 384 18.33 29.35 -14.81
C GLY A 384 18.87 28.46 -13.70
N LEU A 385 17.94 27.79 -13.01
CA LEU A 385 18.25 27.06 -11.78
C LEU A 385 18.37 25.56 -11.99
N PRO A 386 19.50 24.98 -11.55
CA PRO A 386 19.74 23.54 -11.59
C PRO A 386 18.82 22.82 -10.61
N THR A 387 18.17 21.76 -11.07
CA THR A 387 17.14 21.16 -10.27
C THR A 387 17.09 19.66 -10.39
N LEU A 388 16.61 19.02 -9.33
CA LEU A 388 16.54 17.59 -9.33
C LEU A 388 15.14 17.13 -9.01
N VAL A 389 14.64 16.26 -9.86
CA VAL A 389 13.40 15.61 -9.59
C VAL A 389 13.73 14.18 -9.18
N VAL A 390 13.20 13.74 -8.03
CA VAL A 390 13.46 12.38 -7.55
C VAL A 390 12.18 11.55 -7.73
N SER A 391 12.31 10.41 -8.40
CA SER A 391 11.18 9.51 -8.59
C SER A 391 11.34 8.28 -7.71
N THR A 392 10.54 8.20 -6.64
CA THR A 392 10.48 7.00 -5.82
C THR A 392 9.36 6.07 -6.32
N ASP A 393 8.81 6.36 -7.49
CA ASP A 393 7.81 5.51 -8.13
C ASP A 393 8.49 4.48 -9.04
N PRO A 394 8.35 3.19 -8.68
CA PRO A 394 8.92 2.01 -9.35
C PRO A 394 8.35 1.78 -10.74
N ALA A 395 7.25 2.46 -11.05
CA ALA A 395 6.44 2.17 -12.22
C ALA A 395 7.11 2.43 -13.57
N HIS A 396 8.32 2.99 -13.50
CA HIS A 396 8.97 3.63 -14.63
C HIS A 396 8.16 4.87 -14.99
N SER A 397 7.61 5.52 -13.96
CA SER A 397 6.79 6.72 -14.16
C SER A 397 7.61 7.81 -14.82
N LEU A 398 8.59 8.35 -14.08
CA LEU A 398 9.40 9.44 -14.56
C LEU A 398 10.19 9.02 -15.79
N SER A 399 10.29 7.71 -16.00
CA SER A 399 10.91 7.21 -17.21
C SER A 399 9.94 7.36 -18.38
N ASP A 400 8.63 7.23 -18.11
CA ASP A 400 7.60 7.45 -19.12
C ASP A 400 7.24 8.92 -19.27
N ALA A 401 7.57 9.69 -18.24
CA ALA A 401 7.28 11.12 -18.17
C ALA A 401 8.12 11.97 -19.09
N PHE A 402 9.45 11.90 -18.99
CA PHE A 402 10.26 12.70 -19.90
C PHE A 402 10.54 11.89 -21.14
N ASP A 403 10.02 10.67 -21.17
CA ASP A 403 10.20 9.73 -22.25
C ASP A 403 11.67 9.37 -22.58
N GLN A 404 12.57 9.57 -21.62
CA GLN A 404 13.98 9.24 -21.83
C GLN A 404 14.41 7.88 -21.29
N ASP A 405 13.50 7.16 -20.61
CA ASP A 405 13.87 5.97 -19.80
C ASP A 405 15.12 6.24 -18.92
N LEU A 406 14.92 7.04 -17.88
CA LEU A 406 15.94 7.28 -16.86
C LEU A 406 15.94 6.08 -15.89
N SER A 407 17.04 5.34 -15.86
CA SER A 407 17.04 4.04 -15.21
C SER A 407 18.22 4.00 -14.25
N GLY A 408 18.23 3.00 -13.37
CA GLY A 408 19.29 2.85 -12.38
C GLY A 408 19.08 3.85 -11.26
N GLY A 409 20.08 4.01 -10.39
CA GLY A 409 19.95 4.93 -9.27
C GLY A 409 20.70 6.24 -9.40
N SER A 410 21.59 6.35 -10.38
CA SER A 410 22.38 7.58 -10.52
C SER A 410 21.63 8.61 -11.37
N PRO A 411 21.84 9.90 -11.07
CA PRO A 411 21.25 10.98 -11.86
C PRO A 411 21.41 10.78 -13.36
N VAL A 412 20.41 11.22 -14.11
CA VAL A 412 20.41 11.26 -15.57
C VAL A 412 20.19 12.72 -16.04
N LYS A 413 21.11 13.24 -16.86
CA LYS A 413 20.94 14.59 -17.42
C LYS A 413 19.73 14.58 -18.37
N ILE A 414 18.98 15.70 -18.37
CA ILE A 414 17.66 15.77 -19.00
C ILE A 414 17.66 16.45 -20.39
N THR A 415 17.51 15.63 -21.43
CA THR A 415 17.36 16.14 -22.79
C THR A 415 16.34 15.38 -23.62
N SER A 416 15.26 16.03 -24.04
CA SER A 416 14.81 15.81 -25.40
C SER A 416 14.32 17.14 -25.98
N PRO A 417 15.17 18.19 -25.95
CA PRO A 417 14.79 19.49 -26.49
C PRO A 417 15.34 19.66 -27.91
N LEU A 418 15.18 20.85 -28.45
CA LEU A 418 16.17 21.39 -29.38
C LEU A 418 17.30 21.87 -28.46
N GLY A 419 18.52 22.00 -28.95
CA GLY A 419 19.62 22.38 -28.08
C GLY A 419 19.49 23.68 -27.27
N ASP A 420 19.61 23.53 -25.95
CA ASP A 420 19.56 24.64 -24.98
C ASP A 420 20.02 24.21 -23.57
N GLU A 421 20.05 25.17 -22.64
CA GLU A 421 20.49 24.91 -21.27
C GLU A 421 19.51 23.98 -20.54
N LEU A 422 20.01 22.86 -20.04
CA LEU A 422 19.13 21.85 -19.44
C LEU A 422 19.48 21.56 -17.97
N PRO A 423 19.26 22.55 -17.07
CA PRO A 423 19.71 22.40 -15.67
C PRO A 423 18.82 21.47 -14.83
N LEU A 424 18.55 20.25 -15.32
CA LEU A 424 17.62 19.33 -14.68
C LEU A 424 18.19 17.92 -14.72
N TRP A 425 18.10 17.22 -13.59
CA TRP A 425 18.37 15.80 -13.55
C TRP A 425 17.27 15.08 -12.84
N GLY A 426 17.13 13.79 -13.12
CA GLY A 426 16.19 12.99 -12.36
C GLY A 426 16.62 11.54 -12.25
N LEU A 427 16.21 10.92 -11.14
CA LEU A 427 16.71 9.60 -10.80
C LEU A 427 15.59 8.79 -10.20
N GLN A 428 15.63 7.50 -10.49
CA GLN A 428 14.62 6.57 -9.99
C GLN A 428 15.17 5.69 -8.82
N LEU A 429 14.60 5.85 -7.63
CA LEU A 429 15.04 5.05 -6.50
C LEU A 429 13.95 4.09 -6.13
N ASP A 430 14.12 2.82 -6.53
CA ASP A 430 13.19 1.78 -6.12
C ASP A 430 13.21 1.79 -4.60
N PRO A 431 12.06 2.05 -3.98
CA PRO A 431 11.95 1.98 -2.52
C PRO A 431 12.26 0.56 -1.94
N GLU A 432 11.99 -0.50 -2.72
CA GLU A 432 12.34 -1.87 -2.34
C GLU A 432 13.86 -2.15 -2.42
N GLN A 433 14.47 -1.88 -3.56
CA GLN A 433 15.91 -1.99 -3.67
C GLN A 433 16.59 -1.12 -2.62
N ALA A 434 15.95 -0.01 -2.24
CA ALA A 434 16.48 0.90 -1.22
C ALA A 434 16.39 0.34 0.20
N LYS A 435 15.40 -0.52 0.46
CA LYS A 435 15.23 -1.20 1.75
C LYS A 435 16.24 -2.34 1.89
N ALA A 436 16.27 -3.25 0.93
CA ALA A 436 17.16 -4.39 1.02
C ALA A 436 18.61 -3.96 0.86
N GLU A 437 18.82 -2.71 0.45
CA GLU A 437 20.17 -2.20 0.36
C GLU A 437 20.53 -1.88 1.77
N LEU A 438 19.56 -1.41 2.52
CA LEU A 438 19.82 -1.03 3.89
C LEU A 438 19.87 -2.28 4.75
N ARG A 439 19.02 -3.26 4.44
CA ARG A 439 18.98 -4.50 5.22
C ARG A 439 20.31 -5.21 5.06
N ALA A 440 20.79 -5.31 3.82
CA ALA A 440 22.06 -5.96 3.52
C ALA A 440 23.28 -5.30 4.20
N VAL A 441 23.27 -3.97 4.29
CA VAL A 441 24.34 -3.21 4.93
C VAL A 441 24.38 -3.49 6.44
N LEU A 442 23.23 -3.86 6.99
CA LEU A 442 23.20 -4.19 8.41
C LEU A 442 23.40 -5.68 8.74
N ALA A 443 23.68 -6.50 7.72
CA ALA A 443 23.87 -7.95 7.87
C ALA A 443 25.13 -8.40 8.65
N THR A 453 32.09 -9.99 17.41
CA THR A 453 32.42 -10.15 18.83
C THR A 453 31.26 -10.81 19.55
N LEU A 454 30.30 -9.97 19.93
CA LEU A 454 29.10 -10.38 20.65
C LEU A 454 28.36 -11.47 19.89
N ASP A 455 28.64 -11.56 18.59
CA ASP A 455 28.15 -12.64 17.77
C ASP A 455 28.44 -13.99 18.43
N GLY A 456 29.71 -14.22 18.75
CA GLY A 456 30.13 -15.42 19.45
C GLY A 456 29.49 -15.61 20.83
N LEU A 457 29.27 -14.52 21.57
CA LEU A 457 28.78 -14.64 22.95
C LEU A 457 27.33 -15.09 23.02
N GLY A 458 26.52 -14.61 22.08
CA GLY A 458 25.13 -15.00 21.99
C GLY A 458 25.05 -16.47 21.61
N LEU A 459 25.91 -16.84 20.67
CA LEU A 459 26.10 -18.23 20.30
C LEU A 459 26.67 -19.07 21.48
N GLY A 460 27.02 -18.39 22.56
CA GLY A 460 27.71 -18.99 23.70
C GLY A 460 27.07 -20.19 24.31
N VAL A 461 25.78 -20.09 24.59
CA VAL A 461 25.06 -21.25 25.08
C VAL A 461 24.59 -22.24 24.01
N ILE A 462 24.18 -21.68 22.86
CA ILE A 462 23.64 -22.41 21.73
C ILE A 462 23.80 -21.44 20.57
N SER A 463 23.72 -21.86 19.30
CA SER A 463 23.81 -20.87 18.15
C SER A 463 22.54 -20.13 17.71
N ASP A 464 22.51 -18.83 18.03
CA ASP A 464 21.40 -17.93 17.67
C ASP A 464 21.51 -16.80 16.64
N GLN A 465 22.72 -16.48 16.14
CA GLN A 465 22.94 -15.23 15.36
C GLN A 465 22.05 -15.07 14.11
N LEU A 466 22.00 -16.11 13.29
CA LEU A 466 21.07 -16.15 12.17
C LEU A 466 19.67 -15.72 12.65
N LYS A 467 19.06 -16.50 13.54
CA LYS A 467 17.67 -16.28 13.95
C LYS A 467 17.38 -14.90 14.55
N ASP A 468 18.35 -14.33 15.25
CA ASP A 468 18.18 -13.01 15.88
C ASP A 468 18.52 -11.77 15.04
N LEU A 469 19.33 -11.94 14.00
CA LEU A 469 19.47 -10.87 13.00
C LEU A 469 18.14 -10.78 12.25
N GLN A 470 17.73 -11.88 11.61
CA GLN A 470 16.51 -11.95 10.79
C GLN A 470 15.29 -11.44 11.55
N LEU A 471 15.19 -11.79 12.83
CA LEU A 471 14.15 -11.28 13.72
C LEU A 471 14.49 -9.90 14.28
N GLY A 472 15.74 -9.47 14.11
CA GLY A 472 16.14 -8.13 14.46
C GLY A 472 15.39 -7.20 13.53
N GLU A 473 15.22 -7.62 12.27
CA GLU A 473 14.37 -6.90 11.31
C GLU A 473 12.85 -7.14 11.42
N LEU A 474 12.45 -8.20 12.12
CA LEU A 474 11.03 -8.46 12.39
C LEU A 474 10.42 -7.29 13.19
N LEU A 475 11.28 -6.53 13.88
CA LEU A 475 10.91 -5.25 14.49
C LEU A 475 11.04 -4.04 13.51
N ASP A 476 11.87 -4.23 12.48
CA ASP A 476 12.16 -3.24 11.41
C ASP A 476 11.16 -3.05 10.19
N THR A 477 10.70 -4.16 9.63
CA THR A 477 9.63 -4.16 8.65
C THR A 477 8.25 -3.52 9.07
N PRO A 478 7.81 -3.64 10.36
CA PRO A 478 6.53 -3.05 10.81
C PRO A 478 6.15 -1.61 10.39
N PRO A 479 7.13 -0.70 10.21
CA PRO A 479 6.73 0.58 9.59
C PRO A 479 6.15 0.49 8.13
N PRO A 480 4.95 1.11 7.93
CA PRO A 480 4.01 1.02 6.79
C PRO A 480 4.36 1.63 5.43
N GLY A 481 4.87 2.86 5.45
CA GLY A 481 5.20 3.58 4.22
C GLY A 481 6.68 3.82 3.98
N VAL A 482 7.56 3.09 4.67
CA VAL A 482 8.94 3.53 4.83
C VAL A 482 9.93 3.09 3.74
N ASP A 483 9.50 2.19 2.88
CA ASP A 483 10.35 1.75 1.78
C ASP A 483 11.00 2.96 1.06
N GLU A 484 10.18 3.99 0.83
CA GLU A 484 10.59 5.27 0.19
C GLU A 484 11.22 6.32 1.11
N ALA A 485 10.76 6.36 2.36
CA ALA A 485 11.32 7.25 3.36
C ALA A 485 12.81 6.91 3.57
N ILE A 486 13.21 5.69 3.19
CA ILE A 486 14.60 5.36 2.93
C ILE A 486 15.17 6.24 1.79
N ALA A 487 14.69 6.03 0.58
CA ALA A 487 15.20 6.72 -0.60
C ALA A 487 15.33 8.22 -0.38
N ILE A 488 14.31 8.83 0.23
CA ILE A 488 14.29 10.27 0.43
C ILE A 488 15.40 10.73 1.36
N ALA A 489 15.64 9.97 2.42
CA ALA A 489 16.59 10.36 3.44
C ALA A 489 17.98 10.13 2.88
N LYS A 490 18.08 9.18 1.94
CA LYS A 490 19.33 8.89 1.24
C LYS A 490 19.81 10.12 0.50
N VAL A 491 18.94 10.63 -0.36
CA VAL A 491 19.25 11.78 -1.17
C VAL A 491 19.36 13.04 -0.29
N VAL A 492 18.64 13.08 0.84
CA VAL A 492 18.76 14.22 1.75
C VAL A 492 20.22 14.42 2.18
N GLN A 493 20.90 13.29 2.43
CA GLN A 493 22.30 13.29 2.82
C GLN A 493 23.17 13.73 1.64
N PHE A 494 22.71 13.48 0.41
CA PHE A 494 23.54 13.65 -0.79
C PHE A 494 24.10 15.06 -1.03
N LEU A 495 23.66 16.04 -0.25
CA LEU A 495 24.33 17.33 -0.22
C LEU A 495 25.79 17.08 0.13
N LYS A 496 26.69 17.55 -0.71
CA LYS A 496 28.09 17.11 -0.70
C LYS A 496 28.90 17.84 -1.78
N ALA A 497 30.18 17.52 -1.89
CA ALA A 497 31.01 18.05 -2.97
C ALA A 497 30.48 17.77 -4.41
N PRO A 498 30.15 16.50 -4.74
CA PRO A 498 29.68 16.22 -6.10
C PRO A 498 28.31 16.84 -6.49
N GLU A 499 27.49 17.18 -5.50
CA GLU A 499 26.08 17.54 -5.74
C GLU A 499 25.61 18.89 -5.18
N TYR A 500 25.63 19.06 -3.85
CA TYR A 500 25.14 20.30 -3.21
C TYR A 500 25.72 21.56 -3.87
N SER A 501 26.95 21.44 -4.33
CA SER A 501 27.58 22.48 -5.11
C SER A 501 26.78 22.70 -6.40
N HIS A 502 26.32 21.60 -7.00
CA HIS A 502 25.70 21.63 -8.32
C HIS A 502 24.25 22.08 -8.34
N PHE A 503 23.48 21.75 -7.30
CA PHE A 503 22.01 21.90 -7.33
C PHE A 503 21.43 23.05 -6.52
N LYS A 504 20.37 23.67 -7.06
CA LYS A 504 19.71 24.80 -6.41
C LYS A 504 18.34 24.45 -5.82
N ARG A 505 17.40 24.04 -6.65
CA ARG A 505 16.12 23.58 -6.14
C ARG A 505 15.86 22.12 -6.53
N ILE A 506 15.24 21.35 -5.63
CA ILE A 506 14.89 19.96 -5.94
C ILE A 506 13.48 19.55 -5.49
N VAL A 507 12.93 18.59 -6.23
CA VAL A 507 11.52 18.26 -6.11
C VAL A 507 11.29 16.74 -6.06
N PHE A 508 10.45 16.33 -5.09
CA PHE A 508 10.21 14.92 -4.82
C PHE A 508 8.86 14.43 -5.29
N ASP A 509 8.88 13.59 -6.32
CA ASP A 509 7.65 12.92 -6.67
C ASP A 509 7.63 11.59 -5.93
N THR A 510 6.76 11.50 -4.92
CA THR A 510 6.58 10.28 -4.14
C THR A 510 5.76 9.29 -4.94
N ALA A 511 5.84 8.01 -4.58
CA ALA A 511 5.04 6.98 -5.21
C ALA A 511 3.54 7.10 -4.82
N PRO A 512 2.64 6.50 -5.63
CA PRO A 512 1.17 6.60 -5.47
C PRO A 512 0.63 5.88 -4.23
N THR A 513 0.98 6.34 -3.05
CA THR A 513 0.78 5.56 -1.84
C THR A 513 0.67 6.45 -0.62
N GLY A 514 1.01 5.86 0.51
CA GLY A 514 1.09 6.51 1.82
C GLY A 514 2.38 7.16 2.31
N HIS A 515 3.25 7.69 1.44
CA HIS A 515 4.39 8.49 1.93
C HIS A 515 3.96 9.68 2.71
N THR A 516 2.68 10.00 2.64
CA THR A 516 2.16 11.07 3.46
C THR A 516 1.61 10.52 4.82
N LEU A 517 2.36 10.89 5.85
CA LEU A 517 2.25 10.32 7.18
C LEU A 517 1.92 11.42 8.16
N ARG A 518 0.69 11.31 8.66
CA ARG A 518 -0.02 12.37 9.39
C ARG A 518 -0.07 12.33 10.95
N LEU A 519 0.48 11.28 11.58
CA LEU A 519 0.56 11.29 13.05
C LEU A 519 2.03 11.40 13.45
N LEU A 520 2.35 11.49 14.74
CA LEU A 520 3.74 11.68 15.11
C LEU A 520 4.40 10.31 15.24
N SER A 521 5.05 9.88 14.15
CA SER A 521 6.04 8.78 14.16
C SER A 521 7.47 9.26 13.93
N LEU A 522 7.64 10.55 13.62
CA LEU A 522 8.96 11.06 13.22
C LEU A 522 9.96 11.06 14.39
N PRO A 523 9.59 11.74 15.49
CA PRO A 523 10.52 11.56 16.62
C PRO A 523 10.49 10.10 17.20
N ASP A 524 9.40 9.37 17.00
CA ASP A 524 9.23 8.02 17.55
C ASP A 524 9.83 6.83 16.75
N PHE A 525 9.89 6.93 15.42
CA PHE A 525 10.61 5.91 14.65
C PHE A 525 12.10 6.13 14.85
N LEU A 526 12.46 7.41 14.99
CA LEU A 526 13.81 7.79 15.38
C LEU A 526 14.18 7.26 16.79
N ASP A 527 13.18 7.14 17.67
CA ASP A 527 13.40 6.56 19.00
C ASP A 527 13.47 5.03 18.95
N ALA A 528 12.79 4.42 17.98
CA ALA A 528 13.00 2.99 17.72
C ALA A 528 14.49 2.81 17.42
N SER A 529 14.99 3.60 16.47
CA SER A 529 16.41 3.56 16.11
C SER A 529 17.39 3.86 17.25
N ILE A 530 17.16 4.94 17.99
CA ILE A 530 18.05 5.32 19.10
C ILE A 530 17.87 4.41 20.34
N GLY A 531 16.67 3.87 20.51
CA GLY A 531 16.40 2.92 21.57
C GLY A 531 17.28 1.71 21.37
N LYS A 532 17.31 1.19 20.15
CA LYS A 532 18.09 -0.01 19.84
C LYS A 532 19.55 0.22 19.48
N LEU A 533 19.94 1.46 19.17
CA LEU A 533 21.36 1.79 19.02
C LEU A 533 21.99 2.04 20.40
N VAL A 534 21.16 2.43 21.36
CA VAL A 534 21.56 2.58 22.78
C VAL A 534 21.59 1.25 23.58
N ARG A 535 20.60 0.38 23.35
CA ARG A 535 20.66 -0.99 23.89
C ARG A 535 21.90 -1.70 23.34
N LEU A 536 22.11 -1.60 22.03
CA LEU A 536 23.26 -2.25 21.41
C LEU A 536 24.56 -1.59 21.85
N ARG A 537 24.52 -0.28 22.14
CA ARG A 537 25.70 0.43 22.64
C ARG A 537 26.04 -0.09 24.05
N GLN A 538 25.00 -0.43 24.80
CA GLN A 538 25.10 -0.97 26.16
C GLN A 538 25.92 -2.25 26.20
N LYS A 539 25.59 -3.17 25.30
CA LYS A 539 26.13 -4.52 25.31
C LYS A 539 27.35 -4.72 24.38
N LEU A 540 27.77 -3.67 23.69
CA LEU A 540 29.06 -3.73 23.01
C LEU A 540 30.24 -3.56 23.99
N SER A 541 29.97 -2.94 25.14
CA SER A 541 31.00 -2.69 26.17
C SER A 541 31.36 -3.94 27.00
N ALA A 542 30.37 -4.81 27.18
CA ALA A 542 30.48 -5.96 28.06
C ALA A 542 31.05 -7.19 27.37
N ALA A 543 31.48 -7.01 26.12
CA ALA A 543 32.23 -8.05 25.42
C ALA A 543 33.76 -7.86 25.54
N THR A 544 34.18 -6.79 26.22
CA THR A 544 35.56 -6.63 26.70
C THR A 544 35.61 -5.98 28.11
N ALA A 562 30.28 -1.91 12.98
CA ALA A 562 29.58 -2.04 14.24
C ALA A 562 28.23 -1.28 14.29
N VAL A 563 28.02 -0.46 15.32
CA VAL A 563 26.77 0.29 15.51
C VAL A 563 26.89 1.77 15.07
N LYS A 564 28.06 2.17 14.55
CA LYS A 564 28.23 3.55 14.09
C LYS A 564 27.35 3.76 12.89
N ARG A 565 27.11 2.65 12.18
CA ARG A 565 26.23 2.64 11.01
C ARG A 565 24.85 3.13 11.45
N LEU A 566 24.35 2.57 12.55
CA LEU A 566 23.06 2.99 13.11
C LEU A 566 23.09 4.45 13.54
N GLU A 567 24.29 4.93 13.84
CA GLU A 567 24.50 6.37 14.02
C GLU A 567 24.45 7.14 12.66
N ALA A 568 24.91 6.54 11.55
CA ALA A 568 24.81 7.15 10.20
C ALA A 568 23.36 7.30 9.73
N LEU A 569 22.59 6.26 10.00
CA LEU A 569 21.14 6.27 9.78
C LEU A 569 20.46 7.31 10.64
N GLN A 570 20.86 7.42 11.91
CA GLN A 570 20.34 8.44 12.81
C GLN A 570 20.52 9.86 12.23
N ALA A 571 21.68 10.15 11.66
CA ALA A 571 21.96 11.48 11.13
C ALA A 571 21.23 11.73 9.82
N SER A 572 21.14 10.68 9.00
CA SER A 572 20.41 10.74 7.73
C SER A 572 18.90 10.98 7.94
N MET A 573 18.29 10.17 8.81
CA MET A 573 16.90 10.33 9.21
C MET A 573 16.64 11.67 9.84
N GLU A 574 17.54 12.09 10.72
CA GLU A 574 17.37 13.36 11.39
C GLU A 574 17.61 14.53 10.46
N ASP A 575 18.43 14.33 9.44
CA ASP A 575 18.63 15.35 8.42
C ASP A 575 17.47 15.33 7.40
N ALA A 576 16.99 14.14 7.06
CA ALA A 576 15.75 14.06 6.32
C ALA A 576 14.65 14.80 7.11
N LYS A 577 14.50 14.49 8.40
CA LYS A 577 13.53 15.19 9.23
C LYS A 577 13.79 16.70 9.31
N ALA A 578 15.06 17.09 9.33
CA ALA A 578 15.46 18.48 9.51
C ALA A 578 14.95 19.40 8.38
N MET A 579 14.95 18.90 7.15
CA MET A 579 14.35 19.65 6.05
C MET A 579 12.81 19.53 5.96
N PHE A 580 12.24 18.34 6.15
CA PHE A 580 10.79 18.16 6.08
C PHE A 580 10.03 19.17 6.91
N ARG A 581 10.42 19.33 8.17
CA ARG A 581 9.73 20.25 9.07
C ARG A 581 10.24 21.69 8.91
N ASN A 582 11.17 21.88 7.99
CA ASN A 582 11.74 23.21 7.74
C ASN A 582 10.74 24.17 7.07
N GLN A 583 10.59 25.34 7.67
CA GLN A 583 9.66 26.36 7.20
C GLN A 583 10.02 26.96 5.83
N GLN A 584 11.23 27.52 5.72
CA GLN A 584 11.62 28.28 4.54
C GLN A 584 11.92 27.42 3.31
N THR A 585 12.91 26.55 3.41
CA THR A 585 13.39 25.83 2.25
C THR A 585 12.37 24.90 1.61
N THR A 586 11.55 24.26 2.43
CA THR A 586 10.74 23.16 1.93
C THR A 586 9.25 23.39 1.99
N GLU A 587 8.54 22.80 1.03
CA GLU A 587 7.10 22.83 1.03
C GLU A 587 6.50 21.62 0.30
N PHE A 588 5.27 21.27 0.69
CA PHE A 588 4.61 20.06 0.23
C PHE A 588 3.38 20.35 -0.62
N ILE A 589 3.07 19.39 -1.48
CA ILE A 589 1.97 19.56 -2.42
C ILE A 589 1.12 18.30 -2.58
N ILE A 590 -0.20 18.46 -2.43
CA ILE A 590 -1.14 17.37 -2.70
C ILE A 590 -1.78 17.49 -4.06
N VAL A 591 -1.58 16.47 -4.86
CA VAL A 591 -2.19 16.44 -6.17
C VAL A 591 -3.39 15.56 -6.02
N THR A 592 -4.54 16.09 -6.43
CA THR A 592 -5.76 15.31 -6.35
C THR A 592 -6.70 15.62 -7.48
N ILE A 593 -7.84 14.91 -7.52
CA ILE A 593 -8.87 15.12 -8.57
C ILE A 593 -10.33 15.51 -8.10
N PRO A 594 -11.15 16.07 -9.01
CA PRO A 594 -12.52 16.49 -8.73
C PRO A 594 -13.53 15.46 -8.22
N THR A 595 -13.26 14.16 -8.23
CA THR A 595 -14.24 13.23 -7.63
C THR A 595 -14.29 13.42 -6.09
N VAL A 596 -15.49 13.70 -5.57
CA VAL A 596 -15.64 14.20 -4.21
C VAL A 596 -15.06 13.27 -3.12
N MET A 597 -14.89 12.00 -3.45
CA MET A 597 -14.22 11.03 -2.58
C MET A 597 -12.78 11.45 -2.30
N ALA A 598 -11.94 11.60 -3.34
CA ALA A 598 -10.52 11.85 -3.13
C ALA A 598 -10.31 13.28 -2.65
N THR A 599 -11.41 14.03 -2.67
CA THR A 599 -11.46 15.44 -2.30
C THR A 599 -11.48 15.57 -0.79
N ALA A 600 -12.55 15.06 -0.18
CA ALA A 600 -12.69 15.00 1.27
C ALA A 600 -11.60 14.14 1.95
N GLU A 601 -11.09 13.14 1.24
CA GLU A 601 -9.91 12.40 1.67
C GLU A 601 -8.69 13.33 1.81
N SER A 602 -8.35 13.98 0.70
CA SER A 602 -7.28 14.99 0.65
C SER A 602 -7.44 16.04 1.74
N CYS A 603 -8.68 16.51 1.96
CA CYS A 603 -8.97 17.44 3.05
C CYS A 603 -8.52 16.91 4.38
N ARG A 604 -8.89 15.66 4.65
CA ARG A 604 -8.51 15.02 5.89
C ARG A 604 -6.99 14.99 5.94
N LEU A 605 -6.37 14.26 5.03
CA LEU A 605 -4.92 14.07 5.02
C LEU A 605 -4.12 15.39 5.07
N ALA A 606 -4.70 16.46 4.53
CA ALA A 606 -4.15 17.81 4.60
C ALA A 606 -4.42 18.46 5.95
N SER A 607 -5.60 18.22 6.50
CA SER A 607 -5.96 18.77 7.80
C SER A 607 -5.06 18.20 8.91
N ALA A 608 -4.71 16.92 8.75
CA ALA A 608 -3.83 16.16 9.65
C ALA A 608 -2.34 16.50 9.46
N LEU A 609 -1.90 16.49 8.21
CA LEU A 609 -0.58 17.01 7.84
C LEU A 609 -0.32 18.48 8.26
N GLN A 610 -1.39 19.28 8.34
CA GLN A 610 -1.28 20.69 8.75
C GLN A 610 -0.85 20.77 10.20
N HIS A 611 -1.58 20.07 11.07
CA HIS A 611 -1.27 20.03 12.51
C HIS A 611 -0.12 19.06 12.84
N GLU A 612 0.27 18.26 11.86
CA GLU A 612 1.47 17.43 12.00
C GLU A 612 2.70 18.35 11.96
N GLY A 613 2.49 19.56 11.43
CA GLY A 613 3.53 20.59 11.36
C GLY A 613 4.25 20.74 10.03
N ILE A 614 4.18 19.70 9.19
CA ILE A 614 4.83 19.69 7.89
C ILE A 614 4.38 20.90 7.09
N PRO A 615 5.32 21.64 6.47
CA PRO A 615 4.95 22.78 5.63
C PRO A 615 4.38 22.25 4.32
N LEU A 616 3.09 21.92 4.33
CA LEU A 616 2.29 21.65 3.13
C LEU A 616 1.66 22.97 2.78
N LYS A 617 2.17 23.57 1.72
CA LYS A 617 1.71 24.88 1.33
C LYS A 617 0.73 24.86 0.14
N THR A 618 0.51 23.71 -0.49
CA THR A 618 -0.11 23.72 -1.81
C THR A 618 -1.05 22.55 -2.11
N ILE A 619 -2.23 22.82 -2.64
CA ILE A 619 -3.00 21.70 -3.17
C ILE A 619 -3.13 21.87 -4.68
N ILE A 620 -3.38 20.77 -5.38
CA ILE A 620 -3.66 20.81 -6.80
C ILE A 620 -4.79 19.85 -7.11
N VAL A 621 -5.89 20.39 -7.63
CA VAL A 621 -6.96 19.55 -8.11
C VAL A 621 -6.67 19.39 -9.56
N ASN A 622 -6.29 18.18 -9.97
CA ASN A 622 -5.65 18.09 -11.26
C ASN A 622 -6.52 17.85 -12.47
N GLN A 623 -7.25 16.76 -12.60
CA GLN A 623 -7.94 16.71 -13.88
C GLN A 623 -9.32 17.22 -13.71
N VAL A 624 -9.54 18.45 -14.13
CA VAL A 624 -10.89 18.97 -14.09
C VAL A 624 -11.39 18.87 -15.50
N VAL A 625 -12.53 18.23 -15.71
CA VAL A 625 -13.11 18.23 -17.03
C VAL A 625 -13.75 19.59 -17.13
N GLN A 626 -13.74 20.17 -18.32
CA GLN A 626 -14.42 21.42 -18.50
C GLN A 626 -15.64 21.28 -19.41
N ALA A 627 -16.73 21.92 -18.96
CA ALA A 627 -18.05 21.85 -19.60
C ALA A 627 -18.15 22.15 -21.10
N ASN A 628 -17.60 23.28 -21.52
CA ASN A 628 -17.55 23.57 -22.94
C ASN A 628 -16.95 22.39 -23.74
N ALA A 629 -16.05 21.63 -23.09
CA ALA A 629 -15.35 20.47 -23.69
C ALA A 629 -15.97 19.09 -23.38
N THR A 630 -17.01 19.08 -22.55
CA THR A 630 -17.72 17.86 -22.20
C THR A 630 -18.03 16.94 -23.37
N ASP A 631 -18.41 17.53 -24.50
CA ASP A 631 -18.70 16.71 -25.69
C ASP A 631 -17.48 15.87 -26.06
N LYS A 632 -16.34 16.56 -26.09
CA LYS A 632 -15.09 15.99 -26.53
C LYS A 632 -14.59 15.00 -25.49
N PHE A 633 -14.76 15.34 -24.22
CA PHE A 633 -14.28 14.50 -23.12
C PHE A 633 -14.97 13.14 -23.04
N LEU A 634 -16.28 13.06 -23.21
CA LEU A 634 -16.92 11.75 -23.31
C LEU A 634 -16.29 10.97 -24.45
N THR A 635 -16.30 11.54 -25.65
CA THR A 635 -15.73 10.81 -26.77
C THR A 635 -14.25 10.50 -26.51
N ALA A 636 -13.60 11.31 -25.69
CA ALA A 636 -12.23 11.03 -25.27
C ALA A 636 -12.12 9.80 -24.35
N ARG A 637 -12.84 9.79 -23.23
CA ARG A 637 -12.67 8.71 -22.23
C ARG A 637 -13.32 7.42 -22.72
N ARG A 638 -14.19 7.53 -23.72
CA ARG A 638 -14.76 6.35 -24.37
C ARG A 638 -13.79 5.84 -25.40
N ALA A 639 -13.02 6.75 -25.98
CA ALA A 639 -11.98 6.36 -26.90
C ALA A 639 -10.92 5.53 -26.17
N ASP A 640 -10.47 6.00 -25.00
CA ASP A 640 -9.56 5.21 -24.16
C ASP A 640 -10.10 3.79 -24.01
N GLN A 641 -11.41 3.67 -23.83
CA GLN A 641 -12.02 2.40 -23.53
C GLN A 641 -11.70 1.33 -24.56
N ALA A 642 -12.22 1.45 -25.78
CA ALA A 642 -12.04 0.38 -26.75
C ALA A 642 -10.59 0.22 -27.21
N ARG A 643 -9.75 1.18 -26.80
CA ARG A 643 -8.30 1.09 -26.96
C ARG A 643 -7.71 0.08 -25.96
N ALA A 644 -7.99 0.33 -24.69
CA ALA A 644 -7.44 -0.48 -23.62
C ALA A 644 -8.17 -1.79 -23.62
N LEU A 645 -9.45 -1.77 -23.94
CA LEU A 645 -10.20 -3.01 -24.11
C LEU A 645 -9.54 -3.84 -25.17
N HIS A 646 -9.00 -3.20 -26.21
CA HIS A 646 -8.35 -3.98 -27.26
C HIS A 646 -7.06 -4.49 -26.68
N HIS A 647 -6.33 -3.59 -26.02
CA HIS A 647 -5.00 -3.89 -25.48
C HIS A 647 -5.05 -5.07 -24.51
N LEU A 648 -6.25 -5.36 -24.02
CA LEU A 648 -6.56 -6.59 -23.30
C LEU A 648 -6.91 -7.78 -24.18
N GLU A 649 -7.71 -7.53 -25.20
CA GLU A 649 -8.21 -8.60 -26.05
C GLU A 649 -7.04 -9.28 -26.75
N GLU A 650 -6.01 -8.50 -27.01
CA GLU A 650 -4.75 -9.05 -27.42
C GLU A 650 -3.73 -8.71 -26.35
N ASP A 651 -3.37 -9.73 -25.56
CA ASP A 651 -2.24 -9.69 -24.61
C ASP A 651 -1.63 -11.10 -24.65
N THR A 652 -0.31 -11.23 -24.87
CA THR A 652 0.44 -12.53 -24.75
C THR A 652 -0.37 -13.80 -25.15
N GLY A 653 -0.85 -13.82 -26.40
CA GLY A 653 -1.70 -14.90 -26.88
C GLY A 653 -2.99 -15.10 -26.11
N PRO A 654 -3.66 -16.25 -26.35
CA PRO A 654 -4.74 -16.79 -25.50
C PRO A 654 -4.24 -17.42 -24.20
N ASP A 655 -3.01 -17.94 -24.20
CA ASP A 655 -2.61 -19.00 -23.28
C ASP A 655 -2.03 -18.57 -21.93
N GLY A 656 -0.80 -18.11 -21.93
CA GLY A 656 -0.29 -17.52 -20.71
C GLY A 656 -1.06 -16.22 -20.58
N LEU A 657 -1.73 -16.04 -19.46
CA LEU A 657 -2.38 -14.76 -19.06
C LEU A 657 -3.50 -14.16 -19.95
N ALA A 658 -3.45 -12.83 -20.17
CA ALA A 658 -4.32 -12.07 -21.09
C ALA A 658 -5.83 -12.08 -20.92
N SER A 659 -6.42 -12.68 -21.95
CA SER A 659 -7.82 -12.94 -22.10
C SER A 659 -8.14 -14.33 -21.57
N LEU A 660 -9.09 -14.36 -20.64
CA LEU A 660 -9.53 -15.61 -20.03
C LEU A 660 -11.03 -15.77 -20.29
N GLN A 661 -11.84 -15.07 -19.50
CA GLN A 661 -13.25 -14.92 -19.80
C GLN A 661 -13.60 -13.53 -19.32
N LEU A 662 -14.25 -12.74 -20.19
CA LEU A 662 -14.42 -11.32 -19.97
C LEU A 662 -15.82 -10.98 -19.48
N ILE A 663 -15.87 -10.10 -18.49
CA ILE A 663 -17.11 -9.69 -17.86
C ILE A 663 -17.19 -8.17 -17.89
N LYS A 664 -18.18 -7.62 -18.60
CA LYS A 664 -18.34 -6.18 -18.71
C LYS A 664 -19.41 -5.67 -17.76
N ALA A 665 -19.05 -4.66 -16.98
CA ALA A 665 -20.00 -4.03 -16.08
C ALA A 665 -20.18 -2.51 -16.37
N PRO A 666 -21.40 -2.10 -16.80
CA PRO A 666 -21.83 -0.72 -17.13
C PRO A 666 -21.78 0.26 -15.95
N LEU A 667 -21.46 1.52 -16.23
CA LEU A 667 -21.08 2.49 -15.21
C LEU A 667 -22.21 2.97 -14.29
N CYS A 668 -23.30 3.44 -14.89
CA CYS A 668 -24.20 4.45 -14.26
C CYS A 668 -25.74 4.17 -14.33
N ASP A 669 -26.54 4.67 -13.38
CA ASP A 669 -26.09 5.60 -12.33
C ASP A 669 -26.77 5.22 -11.03
N LEU A 670 -26.05 4.76 -10.02
CA LEU A 670 -26.75 4.46 -8.79
C LEU A 670 -25.95 4.87 -7.60
N GLU A 671 -26.64 4.87 -6.47
CA GLU A 671 -25.98 5.01 -5.20
C GLU A 671 -25.30 3.70 -4.99
N VAL A 672 -25.97 2.63 -5.43
CA VAL A 672 -25.45 1.25 -5.36
C VAL A 672 -25.16 0.78 -3.95
N ARG A 673 -25.82 1.38 -2.97
CA ARG A 673 -25.65 0.97 -1.59
C ARG A 673 -26.79 0.12 -1.05
N GLY A 674 -27.78 -0.14 -1.89
CA GLY A 674 -28.95 -0.85 -1.40
C GLY A 674 -28.87 -2.33 -1.69
N VAL A 675 -29.50 -3.16 -0.87
CA VAL A 675 -29.67 -4.58 -1.20
C VAL A 675 -30.34 -4.89 -2.55
N PRO A 676 -31.51 -4.28 -2.83
CA PRO A 676 -32.13 -4.68 -4.10
C PRO A 676 -31.38 -4.04 -5.28
N ALA A 677 -30.84 -2.85 -4.99
CA ALA A 677 -29.96 -2.11 -5.86
C ALA A 677 -28.93 -3.09 -6.36
N LEU A 678 -28.34 -3.80 -5.38
CA LEU A 678 -27.30 -4.81 -5.57
C LEU A 678 -27.83 -5.98 -6.38
N SER A 679 -29.08 -6.37 -6.15
CA SER A 679 -29.62 -7.51 -6.90
C SER A 679 -29.72 -7.09 -8.33
N TYR A 680 -29.98 -5.79 -8.50
CA TYR A 680 -30.07 -5.17 -9.82
C TYR A 680 -28.72 -5.17 -10.52
N PHE A 681 -27.73 -4.57 -9.86
CA PHE A 681 -26.37 -4.62 -10.32
C PHE A 681 -26.06 -6.08 -10.63
N GLY A 682 -26.42 -6.97 -9.73
CA GLY A 682 -26.15 -8.39 -9.88
C GLY A 682 -26.68 -9.05 -11.14
N ASN A 683 -27.91 -8.73 -11.51
CA ASN A 683 -28.52 -9.37 -12.68
C ASN A 683 -28.05 -8.75 -13.97
N VAL A 684 -27.64 -7.50 -13.86
CA VAL A 684 -27.07 -6.76 -14.96
C VAL A 684 -25.75 -7.31 -15.51
N VAL A 685 -24.84 -7.71 -14.58
CA VAL A 685 -23.47 -8.23 -14.84
C VAL A 685 -23.35 -9.77 -14.93
N TRP A 686 -23.66 -10.46 -13.84
CA TRP A 686 -23.70 -11.91 -13.90
C TRP A 686 -24.95 -12.39 -14.66
#